data_2W5E
#
_entry.id   2W5E
#
_cell.length_a   135.047
_cell.length_b   135.047
_cell.length_c   189.955
_cell.angle_alpha   90.00
_cell.angle_beta   90.00
_cell.angle_gamma   120.00
#
_symmetry.space_group_name_H-M   'P 31 2 1'
#
loop_
_entity.id
_entity.type
_entity.pdbx_description
1 polymer 'PUTATIVE SERINE PROTEASE'
2 non-polymer 'CADMIUM ION'
3 non-polymer 'CHLORIDE ION'
4 water water
#
_entity_poly.entity_id   1
_entity_poly.type   'polypeptide(L)'
_entity_poly.pdbx_seq_one_letter_code
;KHHHHHHIKPGALCVIDTPEGKGTGFFSGNDIVTAAHVVGNNTFVNVCYEGLMYEAKVRYMPEKDIAFITCPGDLHPTAR
LKLSKNPDYSCVTVMAYVNEDLVVSTAAAMVYGNTLSYAVRTQDGMSGAPVCDKYCRVLAVHQTNTGYTGGAVIIDPTDF
HPV
;
_entity_poly.pdbx_strand_id   A,B,C,D,E,F
#
loop_
_chem_comp.id
_chem_comp.type
_chem_comp.name
_chem_comp.formula
CD non-polymer 'CADMIUM ION' 'Cd 2'
CL non-polymer 'CHLORIDE ION' 'Cl -1'
#
# COMPACT_ATOMS: atom_id res chain seq x y z
N LYS A 1 -29.45 -8.05 2.45
CA LYS A 1 -28.22 -8.89 2.36
C LYS A 1 -27.60 -8.90 0.96
N HIS A 2 -26.30 -8.61 0.91
CA HIS A 2 -25.56 -8.52 -0.35
C HIS A 2 -24.19 -9.17 -0.22
N HIS A 3 -23.66 -9.63 -1.35
CA HIS A 3 -22.32 -10.20 -1.39
C HIS A 3 -21.29 -9.07 -1.53
N HIS A 4 -20.73 -8.66 -0.40
CA HIS A 4 -19.71 -7.62 -0.37
C HIS A 4 -18.33 -8.27 -0.26
N HIS A 5 -17.76 -8.64 -1.40
CA HIS A 5 -16.51 -9.41 -1.45
C HIS A 5 -15.26 -8.51 -1.55
N HIS A 6 -14.10 -9.12 -1.33
CA HIS A 6 -12.85 -8.35 -1.16
C HIS A 6 -11.66 -8.90 -1.96
N HIS A 7 -10.64 -8.05 -2.10
CA HIS A 7 -9.38 -8.40 -2.80
C HIS A 7 -9.64 -8.97 -4.20
N ILE A 8 -10.50 -8.28 -4.95
CA ILE A 8 -10.81 -8.61 -6.32
C ILE A 8 -9.70 -8.01 -7.18
N LYS A 9 -8.97 -8.88 -7.87
CA LYS A 9 -7.75 -8.48 -8.57
C LYS A 9 -7.80 -8.78 -10.08
N PRO A 10 -8.43 -7.88 -10.87
CA PRO A 10 -8.52 -8.07 -12.32
C PRO A 10 -7.16 -8.02 -13.02
N GLY A 11 -6.18 -7.37 -12.38
CA GLY A 11 -4.79 -7.34 -12.86
C GLY A 11 -4.10 -8.70 -12.83
N ALA A 12 -4.74 -9.69 -12.20
CA ALA A 12 -4.22 -11.04 -12.17
C ALA A 12 -4.74 -11.89 -13.34
N LEU A 13 -5.48 -11.26 -14.23
CA LEU A 13 -6.06 -11.93 -15.40
C LEU A 13 -5.27 -11.70 -16.67
N CYS A 14 -5.28 -12.68 -17.56
CA CYS A 14 -4.77 -12.50 -18.91
C CYS A 14 -5.68 -13.23 -19.89
N VAL A 15 -5.43 -13.03 -21.19
CA VAL A 15 -6.20 -13.72 -22.22
C VAL A 15 -5.29 -14.75 -22.90
N ILE A 16 -5.80 -15.98 -23.04
CA ILE A 16 -5.10 -17.05 -23.77
C ILE A 16 -5.67 -17.15 -25.19
N ASP A 17 -4.80 -17.08 -26.18
CA ASP A 17 -5.17 -17.09 -27.60
C ASP A 17 -4.57 -18.33 -28.29
N THR A 18 -5.43 -19.09 -28.95
CA THR A 18 -5.03 -20.25 -29.77
C THR A 18 -5.78 -20.20 -31.12
N PRO A 19 -5.39 -21.07 -32.08
CA PRO A 19 -6.14 -21.11 -33.35
C PRO A 19 -7.62 -21.51 -33.19
N GLU A 20 -7.94 -22.19 -32.09
CA GLU A 20 -9.32 -22.64 -31.84
C GLU A 20 -10.20 -21.58 -31.19
N GLY A 21 -9.59 -20.54 -30.63
CA GLY A 21 -10.33 -19.47 -29.97
C GLY A 21 -9.59 -18.86 -28.79
N LYS A 22 -10.35 -18.23 -27.89
CA LYS A 22 -9.77 -17.50 -26.77
C LYS A 22 -10.38 -17.91 -25.43
N GLY A 23 -9.57 -17.83 -24.37
CA GLY A 23 -10.03 -18.11 -23.02
C GLY A 23 -9.40 -17.17 -22.03
N THR A 24 -9.77 -17.33 -20.76
CA THR A 24 -9.20 -16.55 -19.66
C THR A 24 -8.11 -17.37 -18.97
N GLY A 25 -7.03 -16.69 -18.59
CA GLY A 25 -6.00 -17.28 -17.76
C GLY A 25 -5.79 -16.41 -16.53
N PHE A 26 -5.11 -16.94 -15.53
CA PHE A 26 -4.76 -16.14 -14.36
C PHE A 26 -3.40 -16.50 -13.77
N PHE A 27 -2.73 -15.48 -13.23
CA PHE A 27 -1.39 -15.64 -12.69
C PHE A 27 -1.47 -16.18 -11.26
N SER A 28 -0.67 -17.21 -11.02
CA SER A 28 -0.53 -17.81 -9.69
C SER A 28 0.87 -18.41 -9.58
N GLY A 29 1.61 -17.98 -8.56
CA GLY A 29 3.02 -18.30 -8.44
C GLY A 29 3.76 -17.86 -9.69
N ASN A 30 4.52 -18.77 -10.29
CA ASN A 30 5.23 -18.51 -11.54
C ASN A 30 4.45 -19.02 -12.77
N ASP A 31 3.18 -19.33 -12.57
CA ASP A 31 2.36 -19.92 -13.62
C ASP A 31 1.26 -19.02 -14.13
N ILE A 32 0.73 -19.38 -15.31
CA ILE A 32 -0.56 -18.92 -15.77
C ILE A 32 -1.46 -20.16 -15.77
N VAL A 33 -2.57 -20.08 -15.05
CA VAL A 33 -3.50 -21.19 -14.90
C VAL A 33 -4.73 -20.96 -15.78
N THR A 34 -5.20 -22.01 -16.44
CA THR A 34 -6.43 -21.95 -17.25
C THR A 34 -7.12 -23.32 -17.30
N ALA A 35 -8.20 -23.43 -18.06
CA ALA A 35 -8.89 -24.71 -18.26
C ALA A 35 -8.20 -25.49 -19.37
N ALA A 36 -8.19 -26.81 -19.23
CA ALA A 36 -7.53 -27.68 -20.22
C ALA A 36 -7.99 -27.40 -21.65
N HIS A 37 -9.28 -27.21 -21.86
CA HIS A 37 -9.81 -27.02 -23.22
C HIS A 37 -9.48 -25.67 -23.85
N VAL A 38 -9.03 -24.71 -23.04
CA VAL A 38 -8.55 -23.42 -23.55
C VAL A 38 -7.20 -23.60 -24.25
N VAL A 39 -6.38 -24.46 -23.67
CA VAL A 39 -5.06 -24.78 -24.21
C VAL A 39 -5.17 -25.76 -25.39
N GLY A 40 -6.06 -26.74 -25.26
CA GLY A 40 -6.28 -27.77 -26.28
C GLY A 40 -5.01 -28.56 -26.57
N ASN A 41 -4.68 -28.69 -27.84
CA ASN A 41 -3.48 -29.41 -28.27
C ASN A 41 -2.36 -28.47 -28.73
N ASN A 42 -2.30 -27.31 -28.09
CA ASN A 42 -1.27 -26.31 -28.37
C ASN A 42 -0.27 -26.26 -27.23
N THR A 43 0.89 -26.84 -27.45
CA THR A 43 2.01 -26.77 -26.54
C THR A 43 2.50 -25.35 -26.28
N PHE A 44 2.47 -24.55 -27.30
CA PHE A 44 2.71 -23.11 -27.22
C PHE A 44 1.42 -22.33 -27.48
N VAL A 45 1.12 -21.41 -26.56
CA VAL A 45 -0.05 -20.55 -26.69
C VAL A 45 0.36 -19.08 -26.71
N ASN A 46 -0.53 -18.23 -27.21
CA ASN A 46 -0.36 -16.79 -27.07
C ASN A 46 -1.03 -16.31 -25.79
N VAL A 47 -0.36 -15.40 -25.09
CA VAL A 47 -0.90 -14.77 -23.89
C VAL A 47 -0.91 -13.28 -24.12
N CYS A 48 -2.06 -12.65 -23.88
CA CYS A 48 -2.18 -11.21 -24.03
C CYS A 48 -2.34 -10.55 -22.67
N TYR A 49 -1.48 -9.60 -22.36
CA TYR A 49 -1.53 -8.88 -21.08
C TYR A 49 -1.17 -7.42 -21.28
N GLU A 50 -2.06 -6.54 -20.80
CA GLU A 50 -1.90 -5.08 -20.96
C GLU A 50 -1.57 -4.69 -22.41
N GLY A 51 -2.16 -5.41 -23.36
CA GLY A 51 -2.05 -5.06 -24.78
C GLY A 51 -0.86 -5.68 -25.52
N LEU A 52 0.02 -6.36 -24.79
CA LEU A 52 1.17 -7.02 -25.40
C LEU A 52 0.98 -8.54 -25.49
N MET A 53 1.22 -9.10 -26.67
CA MET A 53 1.12 -10.53 -26.89
C MET A 53 2.46 -11.22 -26.63
N TYR A 54 2.40 -12.32 -25.88
CA TYR A 54 3.57 -13.13 -25.55
C TYR A 54 3.33 -14.56 -25.99
N GLU A 55 4.40 -15.24 -26.41
CA GLU A 55 4.35 -16.67 -26.60
C GLU A 55 4.74 -17.33 -25.29
N ALA A 56 4.01 -18.37 -24.91
CA ALA A 56 4.23 -19.07 -23.65
C ALA A 56 4.04 -20.56 -23.83
N LYS A 57 4.76 -21.36 -23.04
CA LYS A 57 4.75 -22.81 -23.17
C LYS A 57 3.98 -23.50 -22.05
N VAL A 58 3.09 -24.39 -22.43
CA VAL A 58 2.39 -25.26 -21.48
C VAL A 58 3.42 -26.05 -20.67
N ARG A 59 3.27 -26.04 -19.35
CA ARG A 59 4.17 -26.73 -18.43
C ARG A 59 3.66 -28.10 -18.02
N TYR A 60 2.39 -28.18 -17.65
CA TYR A 60 1.84 -29.38 -17.01
C TYR A 60 0.33 -29.51 -17.18
N MET A 61 -0.10 -30.72 -17.54
CA MET A 61 -1.52 -31.04 -17.74
C MET A 61 -1.90 -32.20 -16.82
N PRO A 62 -2.40 -31.90 -15.61
CA PRO A 62 -2.81 -32.95 -14.68
C PRO A 62 -4.07 -33.68 -15.12
N GLU A 63 -4.51 -34.65 -14.30
CA GLU A 63 -5.74 -35.40 -14.56
C GLU A 63 -6.96 -34.48 -14.57
N LYS A 64 -6.98 -33.51 -13.64
CA LYS A 64 -8.01 -32.46 -13.62
C LYS A 64 -7.96 -31.65 -14.91
N ASP A 65 -9.12 -31.16 -15.33
CA ASP A 65 -9.25 -30.39 -16.56
C ASP A 65 -8.71 -28.96 -16.41
N ILE A 66 -7.46 -28.87 -15.97
CA ILE A 66 -6.77 -27.61 -15.74
C ILE A 66 -5.41 -27.67 -16.44
N ALA A 67 -4.93 -26.52 -16.89
CA ALA A 67 -3.63 -26.42 -17.54
C ALA A 67 -2.72 -25.40 -16.85
N PHE A 68 -1.45 -25.74 -16.71
CA PHE A 68 -0.45 -24.84 -16.14
C PHE A 68 0.55 -24.41 -17.20
N ILE A 69 0.66 -23.10 -17.38
CA ILE A 69 1.52 -22.49 -18.39
C ILE A 69 2.63 -21.71 -17.66
N THR A 70 3.88 -21.90 -18.07
CA THR A 70 5.00 -21.12 -17.52
C THR A 70 4.84 -19.65 -17.91
N CYS A 71 4.81 -18.76 -16.91
CA CYS A 71 4.74 -17.33 -17.18
C CYS A 71 6.01 -16.88 -17.90
N PRO A 72 5.86 -16.19 -19.05
CA PRO A 72 7.01 -15.63 -19.76
C PRO A 72 7.87 -14.76 -18.85
N GLY A 73 9.18 -14.85 -19.02
CA GLY A 73 10.14 -14.15 -18.16
C GLY A 73 10.03 -12.64 -18.22
N ASP A 74 9.58 -12.11 -19.36
CA ASP A 74 9.40 -10.69 -19.56
C ASP A 74 7.99 -10.17 -19.24
N LEU A 75 7.08 -11.09 -18.89
CA LEU A 75 5.73 -10.74 -18.45
C LEU A 75 5.68 -10.56 -16.94
N HIS A 76 5.51 -9.31 -16.50
CA HIS A 76 5.53 -8.97 -15.08
C HIS A 76 4.14 -8.51 -14.65
N PRO A 77 3.30 -9.45 -14.16
CA PRO A 77 1.92 -9.11 -13.83
C PRO A 77 1.86 -8.26 -12.57
N THR A 78 0.86 -7.38 -12.51
CA THR A 78 0.69 -6.47 -11.38
C THR A 78 0.05 -7.15 -10.17
N ALA A 79 -0.53 -8.33 -10.39
CA ALA A 79 -1.20 -9.09 -9.34
C ALA A 79 -1.18 -10.58 -9.66
N ARG A 80 -1.18 -11.40 -8.61
CA ARG A 80 -1.30 -12.83 -8.73
C ARG A 80 -2.31 -13.32 -7.71
N LEU A 81 -2.86 -14.49 -7.94
CA LEU A 81 -3.86 -15.07 -7.07
C LEU A 81 -3.27 -16.19 -6.22
N LYS A 82 -3.62 -16.18 -4.94
CA LYS A 82 -3.22 -17.26 -4.04
C LYS A 82 -4.38 -18.22 -3.82
N LEU A 83 -4.06 -19.46 -3.44
CA LEU A 83 -5.08 -20.44 -3.12
C LEU A 83 -5.53 -20.31 -1.67
N SER A 84 -6.75 -20.76 -1.38
CA SER A 84 -7.29 -20.63 -0.03
C SER A 84 -6.79 -21.72 0.90
N LYS A 85 -6.49 -21.31 2.13
CA LYS A 85 -6.08 -22.24 3.19
C LYS A 85 -7.32 -22.88 3.82
N ASN A 86 -8.31 -22.04 4.15
CA ASN A 86 -9.57 -22.50 4.74
C ASN A 86 -10.75 -22.09 3.86
N PRO A 87 -11.05 -22.89 2.82
CA PRO A 87 -12.01 -22.53 1.77
C PRO A 87 -13.47 -22.52 2.21
N ASP A 88 -14.10 -21.35 2.09
CA ASP A 88 -15.55 -21.23 2.21
C ASP A 88 -16.18 -21.24 0.80
N TYR A 89 -16.83 -22.35 0.46
CA TYR A 89 -17.42 -22.53 -0.86
C TYR A 89 -18.85 -21.97 -0.97
N SER A 90 -19.35 -21.38 0.11
CA SER A 90 -20.75 -20.91 0.13
C SER A 90 -21.01 -19.71 -0.79
N CYS A 91 -20.02 -18.84 -0.96
CA CYS A 91 -20.09 -17.77 -1.97
C CYS A 91 -18.77 -17.46 -2.66
N VAL A 92 -18.87 -16.89 -3.86
CA VAL A 92 -17.73 -16.73 -4.78
C VAL A 92 -17.73 -15.39 -5.49
N THR A 93 -16.56 -15.01 -6.00
CA THR A 93 -16.41 -13.95 -6.98
C THR A 93 -15.78 -14.61 -8.22
N VAL A 94 -16.42 -14.45 -9.37
CA VAL A 94 -15.89 -14.98 -10.62
C VAL A 94 -15.43 -13.82 -11.52
N MET A 95 -14.18 -13.88 -11.98
CA MET A 95 -13.60 -12.84 -12.84
C MET A 95 -13.17 -13.46 -14.17
N ALA A 96 -13.64 -12.90 -15.27
CA ALA A 96 -13.39 -13.44 -16.60
C ALA A 96 -13.24 -12.35 -17.65
N TYR A 97 -12.50 -12.67 -18.71
CA TYR A 97 -12.52 -11.86 -19.92
C TYR A 97 -13.53 -12.49 -20.88
N VAL A 98 -14.56 -11.73 -21.20
CA VAL A 98 -15.61 -12.17 -22.10
C VAL A 98 -15.53 -11.27 -23.32
N ASN A 99 -15.09 -11.84 -24.44
CA ASN A 99 -14.74 -11.06 -25.61
C ASN A 99 -13.72 -9.97 -25.21
N GLU A 100 -13.99 -8.70 -25.50
CA GLU A 100 -13.02 -7.66 -25.14
C GLU A 100 -13.15 -7.13 -23.70
N ASP A 101 -14.14 -7.61 -22.96
CA ASP A 101 -14.53 -6.99 -21.69
C ASP A 101 -14.21 -7.83 -20.46
N LEU A 102 -13.80 -7.14 -19.39
CA LEU A 102 -13.80 -7.73 -18.07
C LEU A 102 -15.25 -7.90 -17.60
N VAL A 103 -15.57 -9.07 -17.04
CA VAL A 103 -16.83 -9.29 -16.34
C VAL A 103 -16.56 -9.93 -14.97
N VAL A 104 -16.95 -9.23 -13.92
CA VAL A 104 -16.78 -9.69 -12.54
C VAL A 104 -18.14 -9.75 -11.84
N SER A 105 -18.45 -10.89 -11.23
CA SER A 105 -19.69 -11.03 -10.47
C SER A 105 -19.56 -11.98 -9.29
N THR A 106 -20.39 -11.73 -8.27
CA THR A 106 -20.49 -12.59 -7.09
C THR A 106 -21.66 -13.55 -7.26
N ALA A 107 -21.67 -14.61 -6.46
CA ALA A 107 -22.77 -15.58 -6.47
C ALA A 107 -22.68 -16.52 -5.28
N ALA A 108 -23.83 -17.00 -4.81
CA ALA A 108 -23.87 -18.16 -3.95
C ALA A 108 -23.41 -19.37 -4.75
N ALA A 109 -22.71 -20.29 -4.10
CA ALA A 109 -22.18 -21.47 -4.79
C ALA A 109 -22.45 -22.76 -4.02
N MET A 110 -22.36 -23.89 -4.73
CA MET A 110 -22.57 -25.20 -4.14
C MET A 110 -21.51 -26.20 -4.63
N VAL A 111 -21.09 -27.08 -3.74
CA VAL A 111 -20.09 -28.10 -4.05
C VAL A 111 -20.76 -29.45 -4.33
N TYR A 112 -20.36 -30.06 -5.44
CA TYR A 112 -20.80 -31.41 -5.79
C TYR A 112 -19.55 -32.21 -6.17
N GLY A 113 -18.91 -32.78 -5.15
CA GLY A 113 -17.64 -33.50 -5.34
C GLY A 113 -16.49 -32.54 -5.59
N ASN A 114 -15.90 -32.63 -6.78
CA ASN A 114 -14.84 -31.72 -7.20
C ASN A 114 -15.35 -30.54 -8.03
N THR A 115 -16.68 -30.42 -8.10
CA THR A 115 -17.33 -29.42 -8.94
C THR A 115 -18.03 -28.36 -8.11
N LEU A 116 -17.80 -27.10 -8.50
CA LEU A 116 -18.45 -25.95 -7.89
C LEU A 116 -19.46 -25.37 -8.89
N SER A 117 -20.69 -25.19 -8.44
CA SER A 117 -21.75 -24.58 -9.26
C SER A 117 -22.19 -23.24 -8.70
N TYR A 118 -22.50 -22.31 -9.60
CA TYR A 118 -22.76 -20.92 -9.24
C TYR A 118 -23.44 -20.23 -10.40
N ALA A 119 -24.27 -19.23 -10.09
CA ALA A 119 -24.90 -18.40 -11.10
C ALA A 119 -23.85 -17.56 -11.82
N VAL A 120 -24.01 -17.41 -13.14
CA VAL A 120 -23.12 -16.57 -13.94
C VAL A 120 -23.91 -15.49 -14.67
N ARG A 121 -23.24 -14.40 -15.02
CA ARG A 121 -23.89 -13.25 -15.64
C ARG A 121 -23.93 -13.32 -17.17
N THR A 122 -23.15 -14.21 -17.76
CA THR A 122 -23.18 -14.43 -19.20
C THR A 122 -23.18 -15.91 -19.54
N GLN A 123 -23.76 -16.24 -20.69
CA GLN A 123 -23.70 -17.59 -21.23
C GLN A 123 -22.43 -17.74 -22.06
N ASP A 124 -21.83 -16.59 -22.40
CA ASP A 124 -20.63 -16.50 -23.24
C ASP A 124 -19.39 -17.16 -22.63
N GLY A 125 -18.27 -17.07 -23.36
CA GLY A 125 -17.02 -17.73 -23.01
C GLY A 125 -16.33 -17.26 -21.75
N MET A 126 -16.48 -18.05 -20.68
CA MET A 126 -15.79 -17.79 -19.42
C MET A 126 -14.73 -18.85 -19.09
N SER A 127 -14.48 -19.75 -20.05
CA SER A 127 -13.54 -20.87 -19.82
C SER A 127 -12.19 -20.39 -19.29
N GLY A 128 -11.72 -21.03 -18.22
CA GLY A 128 -10.44 -20.71 -17.60
C GLY A 128 -10.50 -19.70 -16.45
N ALA A 129 -11.62 -18.98 -16.35
CA ALA A 129 -11.80 -17.94 -15.32
C ALA A 129 -11.59 -18.46 -13.90
N PRO A 130 -10.83 -17.70 -13.09
CA PRO A 130 -10.68 -18.08 -11.69
C PRO A 130 -11.99 -17.88 -10.93
N VAL A 131 -12.36 -18.86 -10.12
CA VAL A 131 -13.50 -18.72 -9.21
C VAL A 131 -12.91 -18.55 -7.82
N CYS A 132 -13.09 -17.36 -7.24
CA CYS A 132 -12.45 -17.00 -5.97
C CYS A 132 -13.43 -17.01 -4.79
N ASP A 133 -12.90 -17.10 -3.56
CA ASP A 133 -13.73 -16.92 -2.36
C ASP A 133 -13.99 -15.44 -2.10
N LYS A 134 -14.65 -15.13 -0.98
CA LYS A 134 -15.01 -13.73 -0.63
C LYS A 134 -13.79 -12.86 -0.32
N TYR A 135 -12.63 -13.48 -0.18
CA TYR A 135 -11.38 -12.78 0.10
C TYR A 135 -10.42 -12.76 -1.10
N CYS A 136 -10.92 -13.19 -2.26
CA CYS A 136 -10.15 -13.11 -3.50
C CYS A 136 -9.09 -14.19 -3.72
N ARG A 137 -9.19 -15.28 -2.96
CA ARG A 137 -8.33 -16.44 -3.15
C ARG A 137 -9.00 -17.46 -4.06
N VAL A 138 -8.25 -18.04 -5.00
CA VAL A 138 -8.79 -18.98 -5.99
C VAL A 138 -9.23 -20.28 -5.36
N LEU A 139 -10.47 -20.66 -5.65
CA LEU A 139 -11.03 -21.94 -5.22
C LEU A 139 -11.09 -22.95 -6.36
N ALA A 140 -11.29 -22.44 -7.58
CA ALA A 140 -11.63 -23.28 -8.72
C ALA A 140 -11.38 -22.58 -10.06
N VAL A 141 -11.42 -23.37 -11.14
CA VAL A 141 -11.25 -22.88 -12.51
C VAL A 141 -12.52 -23.13 -13.34
N HIS A 142 -13.12 -22.10 -13.84
CA HIS A 142 -14.35 -22.21 -14.58
C HIS A 142 -14.25 -23.08 -15.84
N GLN A 143 -15.15 -24.00 -15.99
CA GLN A 143 -15.09 -25.01 -17.05
C GLN A 143 -16.19 -24.86 -18.09
N THR A 144 -17.43 -24.74 -17.64
CA THR A 144 -18.58 -24.77 -18.55
C THR A 144 -19.82 -24.09 -17.96
N ASN A 145 -20.86 -23.95 -18.78
CA ASN A 145 -22.15 -23.48 -18.32
C ASN A 145 -23.33 -24.16 -18.99
N THR A 146 -24.45 -24.26 -18.27
CA THR A 146 -25.73 -24.62 -18.86
C THR A 146 -26.67 -23.46 -18.55
N GLY A 147 -26.86 -22.59 -19.55
CA GLY A 147 -27.59 -21.34 -19.35
C GLY A 147 -26.79 -20.37 -18.51
N TYR A 148 -27.42 -19.88 -17.43
CA TYR A 148 -26.75 -18.97 -16.50
C TYR A 148 -26.25 -19.67 -15.23
N THR A 149 -26.08 -20.99 -15.30
CA THR A 149 -25.43 -21.74 -14.23
C THR A 149 -24.04 -22.16 -14.70
N GLY A 150 -23.01 -21.66 -13.99
CA GLY A 150 -21.62 -22.00 -14.29
C GLY A 150 -21.13 -23.18 -13.48
N GLY A 151 -20.12 -23.87 -14.00
CA GLY A 151 -19.49 -25.01 -13.32
C GLY A 151 -17.97 -24.94 -13.40
N ALA A 152 -17.31 -25.20 -12.27
CA ALA A 152 -15.86 -25.11 -12.19
C ALA A 152 -15.28 -26.33 -11.51
N VAL A 153 -14.02 -26.65 -11.81
CA VAL A 153 -13.30 -27.71 -11.11
C VAL A 153 -12.46 -27.11 -9.99
N ILE A 154 -12.67 -27.60 -8.77
CA ILE A 154 -11.90 -27.18 -7.60
C ILE A 154 -10.40 -27.46 -7.76
N ILE A 155 -9.60 -26.48 -7.37
CA ILE A 155 -8.14 -26.58 -7.45
C ILE A 155 -7.52 -26.60 -6.05
N ASP A 156 -6.44 -27.36 -5.89
CA ASP A 156 -5.67 -27.35 -4.66
C ASP A 156 -4.16 -27.37 -4.97
N PRO A 157 -3.29 -27.04 -3.97
CA PRO A 157 -1.85 -26.95 -4.21
C PRO A 157 -1.17 -28.19 -4.80
N THR A 158 -1.77 -29.37 -4.61
CA THR A 158 -1.18 -30.61 -5.12
C THR A 158 -1.41 -30.80 -6.62
N ASP A 159 -2.29 -29.97 -7.19
CA ASP A 159 -2.58 -30.02 -8.63
C ASP A 159 -1.50 -29.40 -9.49
N PHE A 160 -0.69 -28.53 -8.88
CA PHE A 160 0.37 -27.78 -9.57
C PHE A 160 1.52 -28.63 -10.10
N HIS A 161 1.75 -29.80 -9.49
CA HIS A 161 2.91 -30.63 -9.83
C HIS A 161 2.59 -32.13 -9.79
N PRO A 162 3.30 -32.91 -10.64
CA PRO A 162 3.13 -34.37 -10.60
C PRO A 162 3.93 -34.98 -9.46
N LYS B 1 -7.56 -7.20 -28.68
CA LYS B 1 -7.95 -5.88 -28.07
C LYS B 1 -8.90 -6.06 -26.88
N HIS B 2 -8.37 -5.91 -25.66
CA HIS B 2 -9.18 -6.04 -24.46
C HIS B 2 -9.13 -4.79 -23.61
N HIS B 3 -10.14 -4.61 -22.77
CA HIS B 3 -10.17 -3.51 -21.81
C HIS B 3 -9.54 -3.90 -20.48
N HIS B 4 -8.30 -3.47 -20.28
CA HIS B 4 -7.54 -3.77 -19.06
C HIS B 4 -7.53 -2.53 -18.17
N HIS B 5 -8.58 -2.39 -17.35
CA HIS B 5 -8.79 -1.18 -16.55
C HIS B 5 -8.23 -1.33 -15.13
N HIS B 6 -8.17 -0.22 -14.40
CA HIS B 6 -7.44 -0.17 -13.14
C HIS B 6 -8.20 0.57 -12.03
N HIS B 7 -7.76 0.32 -10.80
CA HIS B 7 -8.30 0.93 -9.58
C HIS B 7 -9.80 0.75 -9.46
N ILE B 8 -10.22 -0.51 -9.66
CA ILE B 8 -11.62 -0.91 -9.55
C ILE B 8 -11.90 -1.16 -8.07
N LYS B 9 -12.83 -0.39 -7.52
CA LYS B 9 -13.04 -0.35 -6.07
C LYS B 9 -14.48 -0.66 -5.67
N PRO B 10 -14.82 -1.96 -5.56
CA PRO B 10 -16.17 -2.36 -5.18
C PRO B 10 -16.55 -1.97 -3.76
N GLY B 11 -15.55 -1.64 -2.95
CA GLY B 11 -15.77 -1.21 -1.56
C GLY B 11 -16.25 0.23 -1.46
N ALA B 12 -16.20 0.94 -2.58
CA ALA B 12 -16.79 2.27 -2.69
C ALA B 12 -18.30 2.23 -2.96
N LEU B 13 -18.88 1.03 -3.04
CA LEU B 13 -20.30 0.88 -3.31
C LEU B 13 -21.12 0.64 -2.05
N CYS B 14 -22.35 1.13 -2.07
CA CYS B 14 -23.34 0.80 -1.04
C CYS B 14 -24.71 0.60 -1.71
N VAL B 15 -25.68 0.12 -0.94
CA VAL B 15 -27.06 0.01 -1.43
C VAL B 15 -27.93 1.08 -0.76
N ILE B 16 -28.69 1.81 -1.58
CA ILE B 16 -29.65 2.80 -1.10
C ILE B 16 -31.03 2.13 -1.05
N ASP B 17 -31.72 2.31 0.07
CA ASP B 17 -33.06 1.76 0.29
C ASP B 17 -34.05 2.86 0.65
N THR B 18 -35.19 2.85 -0.05
CA THR B 18 -36.30 3.76 0.22
C THR B 18 -37.60 2.95 0.22
N PRO B 19 -38.72 3.55 0.71
CA PRO B 19 -40.01 2.86 0.63
C PRO B 19 -40.39 2.45 -0.80
N GLU B 20 -39.99 3.25 -1.78
CA GLU B 20 -40.30 3.01 -3.20
C GLU B 20 -39.45 1.96 -3.89
N GLY B 21 -38.24 1.71 -3.38
CA GLY B 21 -37.34 0.72 -3.98
C GLY B 21 -35.88 0.88 -3.56
N LYS B 22 -34.99 0.20 -4.30
CA LYS B 22 -33.55 0.22 -4.01
C LYS B 22 -32.72 0.66 -5.20
N GLY B 23 -31.56 1.25 -4.91
CA GLY B 23 -30.57 1.60 -5.94
C GLY B 23 -29.15 1.34 -5.47
N THR B 24 -28.18 1.65 -6.34
CA THR B 24 -26.77 1.60 -5.98
C THR B 24 -26.33 3.01 -5.62
N GLY B 25 -25.49 3.12 -4.58
CA GLY B 25 -24.86 4.38 -4.22
C GLY B 25 -23.34 4.23 -4.22
N PHE B 26 -22.62 5.34 -4.24
CA PHE B 26 -21.16 5.29 -4.15
C PHE B 26 -20.59 6.45 -3.34
N PHE B 27 -19.53 6.17 -2.59
CA PHE B 27 -18.89 7.17 -1.74
C PHE B 27 -17.94 8.04 -2.55
N SER B 28 -18.08 9.35 -2.39
CA SER B 28 -17.18 10.32 -3.00
C SER B 28 -17.12 11.52 -2.07
N GLY B 29 -15.91 11.85 -1.60
CA GLY B 29 -15.72 12.91 -0.61
C GLY B 29 -16.45 12.58 0.69
N ASN B 30 -17.27 13.52 1.16
CA ASN B 30 -18.11 13.29 2.33
C ASN B 30 -19.54 12.84 1.95
N ASP B 31 -19.73 12.57 0.65
CA ASP B 31 -21.05 12.25 0.12
C ASP B 31 -21.23 10.77 -0.23
N ILE B 32 -22.50 10.38 -0.31
CA ILE B 32 -22.94 9.19 -1.02
C ILE B 32 -23.70 9.72 -2.23
N VAL B 33 -23.32 9.25 -3.42
CA VAL B 33 -23.87 9.74 -4.68
C VAL B 33 -24.71 8.64 -5.32
N THR B 34 -25.84 9.04 -5.93
CA THR B 34 -26.74 8.09 -6.60
C THR B 34 -27.55 8.83 -7.67
N ALA B 35 -28.42 8.09 -8.36
CA ALA B 35 -29.33 8.69 -9.33
C ALA B 35 -30.47 9.39 -8.59
N ALA B 36 -30.89 10.55 -9.08
CA ALA B 36 -31.98 11.31 -8.47
C ALA B 36 -33.24 10.49 -8.23
N HIS B 37 -33.59 9.64 -9.20
CA HIS B 37 -34.83 8.87 -9.12
C HIS B 37 -34.81 7.77 -8.06
N VAL B 38 -33.62 7.37 -7.63
CA VAL B 38 -33.45 6.44 -6.50
C VAL B 38 -33.96 7.11 -5.21
N VAL B 39 -33.59 8.38 -5.04
CA VAL B 39 -33.96 9.16 -3.86
C VAL B 39 -35.38 9.70 -3.94
N GLY B 40 -35.79 10.18 -5.12
CA GLY B 40 -37.10 10.76 -5.33
C GLY B 40 -37.30 12.00 -4.47
N ASN B 41 -38.41 12.04 -3.75
CA ASN B 41 -38.75 13.18 -2.89
C ASN B 41 -38.33 13.02 -1.43
N ASN B 42 -37.71 11.89 -1.12
CA ASN B 42 -37.26 11.58 0.23
C ASN B 42 -36.22 12.55 0.79
N THR B 43 -36.34 12.84 2.08
CA THR B 43 -35.41 13.70 2.78
C THR B 43 -34.34 12.85 3.48
N PHE B 44 -34.71 11.62 3.80
CA PHE B 44 -33.80 10.65 4.39
C PHE B 44 -33.90 9.32 3.65
N VAL B 45 -32.79 8.62 3.56
CA VAL B 45 -32.74 7.29 2.94
C VAL B 45 -32.01 6.29 3.82
N ASN B 46 -32.31 5.00 3.62
CA ASN B 46 -31.56 3.95 4.26
C ASN B 46 -30.33 3.57 3.42
N VAL B 47 -29.19 3.38 4.09
CA VAL B 47 -27.95 3.00 3.41
C VAL B 47 -27.45 1.69 4.00
N CYS B 48 -27.19 0.73 3.13
CA CYS B 48 -26.65 -0.55 3.55
C CYS B 48 -25.18 -0.69 3.11
N TYR B 49 -24.32 -1.00 4.07
CA TYR B 49 -22.89 -1.16 3.80
C TYR B 49 -22.29 -2.18 4.74
N GLU B 50 -21.65 -3.20 4.15
CA GLU B 50 -21.06 -4.33 4.88
C GLU B 50 -22.02 -4.98 5.90
N GLY B 51 -23.30 -5.02 5.54
CA GLY B 51 -24.33 -5.69 6.34
C GLY B 51 -25.02 -4.85 7.41
N LEU B 52 -24.66 -3.57 7.52
CA LEU B 52 -25.30 -2.67 8.49
C LEU B 52 -26.08 -1.56 7.81
N MET B 53 -27.31 -1.37 8.23
CA MET B 53 -28.12 -0.27 7.76
C MET B 53 -28.01 1.02 8.53
N TYR B 54 -27.90 2.11 7.80
CA TYR B 54 -27.79 3.43 8.39
C TYR B 54 -28.93 4.30 7.87
N GLU B 55 -29.29 5.31 8.63
CA GLU B 55 -30.16 6.38 8.15
C GLU B 55 -29.28 7.54 7.71
N ALA B 56 -29.57 8.10 6.54
CA ALA B 56 -28.76 9.17 5.98
C ALA B 56 -29.61 10.28 5.42
N LYS B 57 -29.14 11.52 5.58
CA LYS B 57 -29.87 12.70 5.13
C LYS B 57 -29.46 13.13 3.72
N VAL B 58 -30.46 13.39 2.88
CA VAL B 58 -30.22 13.94 1.54
C VAL B 58 -29.71 15.37 1.67
N ARG B 59 -28.57 15.64 1.04
CA ARG B 59 -27.92 16.95 1.13
C ARG B 59 -28.33 17.90 -0.01
N TYR B 60 -28.27 17.42 -1.24
CA TYR B 60 -28.42 18.30 -2.41
C TYR B 60 -28.96 17.59 -3.63
N MET B 61 -29.95 18.22 -4.26
CA MET B 61 -30.59 17.71 -5.47
C MET B 61 -30.49 18.78 -6.55
N PRO B 62 -29.45 18.73 -7.40
CA PRO B 62 -29.30 19.69 -8.49
C PRO B 62 -30.30 19.42 -9.62
N GLU B 63 -30.23 20.23 -10.68
CA GLU B 63 -31.07 20.06 -11.85
C GLU B 63 -30.78 18.74 -12.59
N LYS B 64 -29.49 18.38 -12.68
CA LYS B 64 -29.07 17.06 -13.17
C LYS B 64 -29.69 15.93 -12.36
N ASP B 65 -29.93 14.79 -13.03
CA ASP B 65 -30.55 13.64 -12.39
C ASP B 65 -29.58 12.87 -11.48
N ILE B 66 -28.92 13.62 -10.59
CA ILE B 66 -28.01 13.06 -9.59
C ILE B 66 -28.45 13.53 -8.19
N ALA B 67 -28.18 12.72 -7.18
CA ALA B 67 -28.52 13.05 -5.79
C ALA B 67 -27.29 12.94 -4.89
N PHE B 68 -27.14 13.89 -3.97
CA PHE B 68 -26.05 13.87 -3.00
C PHE B 68 -26.57 13.68 -1.58
N ILE B 69 -26.09 12.62 -0.95
CA ILE B 69 -26.51 12.21 0.39
C ILE B 69 -25.30 12.36 1.33
N THR B 70 -25.49 13.01 2.48
CA THR B 70 -24.42 13.13 3.48
C THR B 70 -24.11 11.74 4.03
N CYS B 71 -22.85 11.32 3.93
CA CYS B 71 -22.45 10.02 4.48
C CYS B 71 -22.59 10.07 6.01
N PRO B 72 -23.28 9.08 6.59
CA PRO B 72 -23.43 9.02 8.05
C PRO B 72 -22.06 9.05 8.73
N GLY B 73 -21.98 9.75 9.86
CA GLY B 73 -20.73 9.92 10.59
C GLY B 73 -20.08 8.63 11.06
N ASP B 74 -20.91 7.61 11.33
CA ASP B 74 -20.43 6.32 11.81
C ASP B 74 -20.19 5.28 10.69
N LEU B 75 -20.49 5.67 9.45
CA LEU B 75 -20.22 4.83 8.28
C LEU B 75 -18.85 5.21 7.70
N HIS B 76 -17.86 4.33 7.88
CA HIS B 76 -16.48 4.60 7.47
C HIS B 76 -16.10 3.71 6.30
N PRO B 77 -16.29 4.20 5.05
CA PRO B 77 -16.10 3.33 3.88
C PRO B 77 -14.62 3.01 3.65
N THR B 78 -14.36 1.81 3.12
CA THR B 78 -12.98 1.37 2.87
C THR B 78 -12.40 1.97 1.60
N ALA B 79 -13.26 2.57 0.78
CA ALA B 79 -12.86 3.19 -0.48
C ALA B 79 -13.85 4.26 -0.90
N ARG B 80 -13.35 5.26 -1.61
CA ARG B 80 -14.17 6.33 -2.19
C ARG B 80 -13.72 6.58 -3.61
N LEU B 81 -14.63 7.14 -4.43
CA LEU B 81 -14.31 7.47 -5.81
C LEU B 81 -13.97 8.95 -5.96
N LYS B 82 -12.91 9.22 -6.69
CA LYS B 82 -12.56 10.59 -7.09
C LYS B 82 -13.05 10.84 -8.51
N LEU B 83 -13.26 12.11 -8.85
CA LEU B 83 -13.64 12.48 -10.20
C LEU B 83 -12.39 12.63 -11.07
N SER B 84 -12.58 12.52 -12.39
CA SER B 84 -11.45 12.63 -13.32
C SER B 84 -11.13 14.09 -13.66
N LYS B 85 -9.84 14.41 -13.68
CA LYS B 85 -9.36 15.71 -14.10
C LYS B 85 -9.26 15.79 -15.64
N ASN B 86 -8.71 14.72 -16.24
CA ASN B 86 -8.59 14.59 -17.69
C ASN B 86 -9.46 13.42 -18.20
N PRO B 87 -10.78 13.64 -18.34
CA PRO B 87 -11.72 12.54 -18.59
C PRO B 87 -11.65 11.95 -20.01
N ASP B 88 -11.35 10.66 -20.08
CA ASP B 88 -11.47 9.91 -21.33
C ASP B 88 -12.75 9.07 -21.29
N TYR B 89 -13.73 9.50 -22.07
CA TYR B 89 -15.04 8.85 -22.11
C TYR B 89 -15.11 7.63 -23.03
N SER B 90 -14.01 7.30 -23.70
CA SER B 90 -13.99 6.25 -24.74
C SER B 90 -14.17 4.84 -24.18
N CYS B 91 -13.76 4.63 -22.94
CA CYS B 91 -14.03 3.36 -22.27
C CYS B 91 -14.25 3.50 -20.77
N VAL B 92 -15.00 2.56 -20.21
CA VAL B 92 -15.51 2.69 -18.86
C VAL B 92 -15.45 1.38 -18.09
N THR B 93 -15.56 1.50 -16.76
CA THR B 93 -15.83 0.38 -15.86
C THR B 93 -17.11 0.74 -15.11
N VAL B 94 -18.09 -0.16 -15.11
CA VAL B 94 -19.35 0.06 -14.39
C VAL B 94 -19.45 -0.91 -13.22
N MET B 95 -19.76 -0.38 -12.03
CA MET B 95 -19.86 -1.21 -10.82
C MET B 95 -21.23 -1.01 -10.19
N ALA B 96 -21.88 -2.11 -9.81
CA ALA B 96 -23.24 -2.06 -9.30
C ALA B 96 -23.57 -3.24 -8.40
N TYR B 97 -24.49 -3.00 -7.46
CA TYR B 97 -25.19 -4.08 -6.79
C TYR B 97 -26.49 -4.35 -7.55
N VAL B 98 -26.66 -5.59 -7.98
CA VAL B 98 -27.84 -5.99 -8.74
C VAL B 98 -28.45 -7.13 -7.94
N ASN B 99 -29.60 -6.84 -7.34
CA ASN B 99 -30.18 -7.73 -6.34
C ASN B 99 -29.15 -8.00 -5.24
N GLU B 100 -28.76 -9.25 -5.03
CA GLU B 100 -27.81 -9.61 -3.97
C GLU B 100 -26.35 -9.52 -4.42
N ASP B 101 -26.13 -9.36 -5.72
CA ASP B 101 -24.81 -9.56 -6.32
C ASP B 101 -24.06 -8.31 -6.75
N LEU B 102 -22.74 -8.36 -6.65
CA LEU B 102 -21.89 -7.36 -7.27
C LEU B 102 -21.80 -7.70 -8.76
N VAL B 103 -21.92 -6.69 -9.62
CA VAL B 103 -21.68 -6.87 -11.05
C VAL B 103 -20.76 -5.76 -11.53
N VAL B 104 -19.59 -6.15 -12.00
CA VAL B 104 -18.60 -5.21 -12.55
C VAL B 104 -18.31 -5.60 -14.00
N SER B 105 -18.32 -4.61 -14.89
CA SER B 105 -17.96 -4.84 -16.28
C SER B 105 -17.31 -3.63 -16.92
N THR B 106 -16.39 -3.90 -17.84
CA THR B 106 -15.82 -2.84 -18.67
C THR B 106 -16.62 -2.77 -19.97
N ALA B 107 -16.61 -1.61 -20.61
CA ALA B 107 -17.22 -1.44 -21.92
C ALA B 107 -16.59 -0.23 -22.60
N ALA B 108 -16.65 -0.21 -23.94
CA ALA B 108 -16.42 1.02 -24.69
C ALA B 108 -17.68 1.84 -24.58
N ALA B 109 -17.55 3.16 -24.62
CA ALA B 109 -18.70 4.04 -24.43
C ALA B 109 -18.74 5.16 -25.46
N MET B 110 -19.94 5.69 -25.71
CA MET B 110 -20.12 6.84 -26.60
C MET B 110 -20.88 7.99 -25.93
N VAL B 111 -20.46 9.22 -26.25
CA VAL B 111 -21.03 10.43 -25.67
C VAL B 111 -22.10 11.04 -26.57
N TYR B 112 -23.23 11.43 -25.97
CA TYR B 112 -24.25 12.26 -26.62
C TYR B 112 -24.64 13.40 -25.69
N GLY B 113 -24.06 14.57 -25.92
CA GLY B 113 -24.30 15.73 -25.06
C GLY B 113 -23.80 15.46 -23.65
N ASN B 114 -24.74 15.46 -22.70
CA ASN B 114 -24.45 15.23 -21.29
C ASN B 114 -24.56 13.75 -20.90
N THR B 115 -24.83 12.91 -21.89
CA THR B 115 -25.16 11.50 -21.66
C THR B 115 -24.07 10.56 -22.19
N LEU B 116 -23.95 9.40 -21.54
CA LEU B 116 -23.03 8.35 -21.92
C LEU B 116 -23.82 7.08 -22.21
N SER B 117 -23.45 6.38 -23.29
CA SER B 117 -24.02 5.07 -23.62
C SER B 117 -22.96 3.99 -23.69
N TYR B 118 -23.29 2.81 -23.17
CA TYR B 118 -22.34 1.72 -23.02
C TYR B 118 -23.13 0.43 -22.84
N ALA B 119 -22.51 -0.71 -23.14
CA ALA B 119 -23.11 -2.01 -22.88
C ALA B 119 -23.08 -2.37 -21.39
N VAL B 120 -24.15 -3.01 -20.93
CA VAL B 120 -24.23 -3.56 -19.57
C VAL B 120 -24.48 -5.08 -19.60
N ARG B 121 -24.25 -5.74 -18.47
CA ARG B 121 -24.29 -7.20 -18.42
C ARG B 121 -25.57 -7.76 -17.79
N THR B 122 -26.46 -6.86 -17.38
CA THR B 122 -27.76 -7.25 -16.83
C THR B 122 -28.82 -6.21 -17.19
N GLN B 123 -30.07 -6.65 -17.26
CA GLN B 123 -31.20 -5.77 -17.53
C GLN B 123 -31.87 -5.35 -16.22
N ASP B 124 -31.55 -6.08 -15.14
CA ASP B 124 -32.06 -5.75 -13.81
C ASP B 124 -31.54 -4.40 -13.32
N GLY B 125 -31.94 -4.01 -12.11
CA GLY B 125 -31.68 -2.67 -11.60
C GLY B 125 -30.22 -2.31 -11.35
N MET B 126 -29.77 -1.25 -12.03
CA MET B 126 -28.41 -0.71 -11.86
C MET B 126 -28.41 0.79 -11.51
N SER B 127 -29.60 1.35 -11.30
CA SER B 127 -29.74 2.80 -11.07
C SER B 127 -28.79 3.29 -9.98
N GLY B 128 -28.07 4.37 -10.29
CA GLY B 128 -27.13 4.99 -9.36
C GLY B 128 -25.68 4.53 -9.48
N ALA B 129 -25.46 3.39 -10.13
CA ALA B 129 -24.11 2.84 -10.35
C ALA B 129 -23.11 3.88 -10.87
N PRO B 130 -21.90 3.92 -10.29
CA PRO B 130 -20.86 4.77 -10.84
C PRO B 130 -20.31 4.20 -12.15
N VAL B 131 -20.13 5.08 -13.14
CA VAL B 131 -19.48 4.73 -14.39
C VAL B 131 -18.11 5.39 -14.36
N CYS B 132 -17.06 4.58 -14.25
CA CYS B 132 -15.70 5.08 -14.05
C CYS B 132 -14.88 4.99 -15.32
N ASP B 133 -13.83 5.82 -15.41
CA ASP B 133 -12.83 5.69 -16.46
C ASP B 133 -11.92 4.48 -16.25
N LYS B 134 -10.94 4.29 -17.14
CA LYS B 134 -10.01 3.15 -17.10
C LYS B 134 -9.08 3.16 -15.89
N TYR B 135 -9.06 4.30 -15.19
CA TYR B 135 -8.26 4.48 -13.98
C TYR B 135 -9.11 4.50 -12.69
N CYS B 136 -10.41 4.25 -12.83
CA CYS B 136 -11.30 4.12 -11.66
C CYS B 136 -11.87 5.42 -11.10
N ARG B 137 -11.68 6.52 -11.79
CA ARG B 137 -12.31 7.76 -11.44
C ARG B 137 -13.69 7.86 -12.04
N VAL B 138 -14.64 8.35 -11.29
CA VAL B 138 -16.04 8.39 -11.74
C VAL B 138 -16.28 9.48 -12.80
N LEU B 139 -16.89 9.07 -13.91
CA LEU B 139 -17.24 9.97 -15.01
C LEU B 139 -18.72 10.30 -15.02
N ALA B 140 -19.55 9.38 -14.53
CA ALA B 140 -20.99 9.46 -14.73
C ALA B 140 -21.76 8.60 -13.74
N VAL B 141 -23.07 8.83 -13.68
CA VAL B 141 -23.98 8.06 -12.83
C VAL B 141 -25.03 7.33 -13.68
N HIS B 142 -25.07 6.03 -13.59
CA HIS B 142 -25.98 5.23 -14.36
C HIS B 142 -27.44 5.56 -14.05
N GLN B 143 -28.21 5.78 -15.09
CA GLN B 143 -29.59 6.20 -14.96
C GLN B 143 -30.55 5.07 -15.35
N THR B 144 -30.42 4.59 -16.57
CA THR B 144 -31.39 3.65 -17.12
C THR B 144 -30.76 2.68 -18.11
N ASN B 145 -31.52 1.65 -18.48
CA ASN B 145 -31.14 0.74 -19.55
C ASN B 145 -32.28 0.46 -20.51
N THR B 146 -31.95 0.22 -21.77
CA THR B 146 -32.88 -0.31 -22.76
C THR B 146 -32.26 -1.61 -23.25
N GLY B 147 -32.82 -2.74 -22.83
CA GLY B 147 -32.17 -4.03 -23.00
C GLY B 147 -30.79 -3.99 -22.36
N TYR B 148 -29.76 -4.38 -23.10
CA TYR B 148 -28.40 -4.42 -22.58
C TYR B 148 -27.56 -3.17 -22.88
N THR B 149 -28.23 -2.09 -23.28
CA THR B 149 -27.59 -0.81 -23.48
C THR B 149 -27.88 0.09 -22.29
N GLY B 150 -26.82 0.55 -21.63
CA GLY B 150 -26.93 1.42 -20.46
C GLY B 150 -26.80 2.89 -20.83
N GLY B 151 -27.35 3.75 -19.97
CA GLY B 151 -27.24 5.19 -20.14
C GLY B 151 -26.99 5.88 -18.81
N ALA B 152 -26.04 6.81 -18.83
CA ALA B 152 -25.64 7.55 -17.64
C ALA B 152 -25.55 9.05 -17.91
N VAL B 153 -25.63 9.86 -16.86
CA VAL B 153 -25.44 11.30 -16.96
C VAL B 153 -24.06 11.68 -16.41
N ILE B 154 -23.31 12.45 -17.21
CA ILE B 154 -21.96 12.90 -16.83
C ILE B 154 -21.99 13.78 -15.58
N ILE B 155 -21.07 13.50 -14.66
CA ILE B 155 -20.91 14.26 -13.41
C ILE B 155 -19.59 15.04 -13.46
N ASP B 156 -19.61 16.28 -12.96
CA ASP B 156 -18.38 17.05 -12.80
C ASP B 156 -18.37 17.75 -11.43
N PRO B 157 -17.19 18.20 -10.96
CA PRO B 157 -17.05 18.80 -9.62
C PRO B 157 -18.08 19.87 -9.26
N THR B 158 -18.54 20.63 -10.26
CA THR B 158 -19.49 21.73 -10.03
C THR B 158 -20.91 21.26 -9.68
N ASP B 159 -21.18 19.97 -9.90
CA ASP B 159 -22.49 19.39 -9.59
C ASP B 159 -22.70 19.20 -8.09
N PHE B 160 -21.61 19.10 -7.33
CA PHE B 160 -21.64 18.82 -5.89
C PHE B 160 -22.27 19.92 -5.04
N HIS B 161 -22.13 21.17 -5.47
CA HIS B 161 -22.64 22.31 -4.70
C HIS B 161 -23.32 23.34 -5.60
N PRO B 162 -24.36 24.02 -5.06
CA PRO B 162 -24.99 25.11 -5.81
C PRO B 162 -24.15 26.38 -5.76
N LYS C 1 28.59 9.93 6.33
CA LYS C 1 27.41 10.49 5.58
C LYS C 1 27.16 9.73 4.29
N HIS C 2 25.91 9.35 4.10
CA HIS C 2 25.47 8.71 2.87
C HIS C 2 24.16 9.32 2.44
N HIS C 3 23.90 9.30 1.13
CA HIS C 3 22.63 9.76 0.61
C HIS C 3 21.64 8.62 0.70
N HIS C 4 20.81 8.64 1.74
CA HIS C 4 19.78 7.63 1.92
C HIS C 4 18.44 8.18 1.43
N HIS C 5 18.17 7.98 0.14
CA HIS C 5 17.03 8.62 -0.51
C HIS C 5 15.83 7.67 -0.56
N HIS C 6 14.65 8.20 -0.91
CA HIS C 6 13.38 7.44 -0.82
C HIS C 6 12.47 7.58 -2.04
N HIS C 7 11.42 6.76 -2.08
CA HIS C 7 10.41 6.73 -3.14
C HIS C 7 10.99 6.78 -4.57
N ILE C 8 11.93 5.89 -4.83
CA ILE C 8 12.53 5.75 -6.16
C ILE C 8 11.65 4.83 -7.00
N LYS C 9 11.17 5.35 -8.13
CA LYS C 9 10.16 4.63 -8.92
C LYS C 9 10.55 4.39 -10.39
N PRO C 10 11.30 3.30 -10.66
CA PRO C 10 11.71 2.94 -12.03
C PRO C 10 10.53 2.66 -12.95
N GLY C 11 9.36 2.36 -12.38
CA GLY C 11 8.14 2.11 -13.15
C GLY C 11 7.59 3.36 -13.79
N ALA C 12 8.11 4.52 -13.36
CA ALA C 12 7.73 5.79 -13.95
C ALA C 12 8.61 6.17 -15.16
N LEU C 13 9.50 5.25 -15.55
CA LEU C 13 10.43 5.49 -16.67
C LEU C 13 10.00 4.75 -17.93
N CYS C 14 10.30 5.38 -19.08
CA CYS C 14 10.13 4.75 -20.39
C CYS C 14 11.26 5.20 -21.33
N VAL C 15 11.36 4.55 -22.49
CA VAL C 15 12.36 4.94 -23.49
C VAL C 15 11.65 5.60 -24.68
N ILE C 16 12.16 6.76 -25.09
CA ILE C 16 11.65 7.48 -26.25
C ILE C 16 12.52 7.14 -27.47
N ASP C 17 11.89 6.80 -28.58
CA ASP C 17 12.59 6.41 -29.81
C ASP C 17 12.21 7.32 -30.97
N THR C 18 13.23 7.88 -31.62
CA THR C 18 13.03 8.71 -32.80
C THR C 18 13.99 8.26 -33.92
N PRO C 19 13.78 8.73 -35.16
CA PRO C 19 14.73 8.43 -36.25
C PRO C 19 16.17 8.85 -35.94
N GLU C 20 16.34 9.85 -35.06
CA GLU C 20 17.66 10.38 -34.71
C GLU C 20 18.32 9.63 -33.54
N GLY C 21 17.52 8.90 -32.78
CA GLY C 21 18.04 8.09 -31.67
C GLY C 21 17.07 7.91 -30.51
N LYS C 22 17.62 7.53 -29.36
CA LYS C 22 16.83 7.22 -28.16
C LYS C 22 17.13 8.17 -26.99
N GLY C 23 16.23 8.19 -26.01
CA GLY C 23 16.40 8.95 -24.77
C GLY C 23 15.47 8.42 -23.69
N THR C 24 15.55 9.00 -22.50
CA THR C 24 14.68 8.59 -21.39
C THR C 24 13.48 9.53 -21.30
N GLY C 25 12.34 8.96 -20.95
CA GLY C 25 11.15 9.74 -20.66
C GLY C 25 10.60 9.32 -19.31
N PHE C 26 9.73 10.16 -18.75
CA PHE C 26 9.08 9.79 -17.49
C PHE C 26 7.63 10.24 -17.43
N PHE C 27 6.82 9.44 -16.75
CA PHE C 27 5.39 9.69 -16.63
C PHE C 27 5.11 10.67 -15.50
N SER C 28 4.32 11.68 -15.80
CA SER C 28 3.87 12.67 -14.83
C SER C 28 2.53 13.21 -15.30
N GLY C 29 1.50 13.04 -14.48
CA GLY C 29 0.13 13.39 -14.86
C GLY C 29 -0.31 12.52 -16.03
N ASN C 30 -0.89 13.14 -17.04
CA ASN C 30 -1.27 12.45 -18.27
C ASN C 30 -0.20 12.58 -19.36
N ASP C 31 1.00 12.98 -18.96
CA ASP C 31 2.08 13.25 -19.89
C ASP C 31 3.25 12.29 -19.77
N ILE C 32 4.02 12.20 -20.85
CA ILE C 32 5.39 11.70 -20.78
C ILE C 32 6.29 12.91 -20.95
N VAL C 33 7.24 13.07 -20.03
CA VAL C 33 8.13 14.23 -20.03
C VAL C 33 9.54 13.81 -20.45
N THR C 34 10.19 14.64 -21.25
CA THR C 34 11.57 14.38 -21.68
C THR C 34 12.31 15.70 -22.01
N ALA C 35 13.57 15.58 -22.43
CA ALA C 35 14.33 16.74 -22.88
C ALA C 35 13.92 17.10 -24.32
N ALA C 36 13.91 18.40 -24.62
CA ALA C 36 13.47 18.87 -25.94
C ALA C 36 14.24 18.25 -27.10
N HIS C 37 15.54 18.05 -26.92
CA HIS C 37 16.39 17.55 -28.02
C HIS C 37 16.20 16.07 -28.32
N VAL C 38 15.60 15.33 -27.39
CA VAL C 38 15.22 13.94 -27.61
C VAL C 38 14.10 13.88 -28.65
N VAL C 39 13.18 14.84 -28.57
CA VAL C 39 12.03 14.94 -29.47
C VAL C 39 12.40 15.69 -30.75
N GLY C 40 13.07 16.84 -30.61
CA GLY C 40 13.50 17.64 -31.75
C GLY C 40 12.35 18.34 -32.43
N ASN C 41 12.18 18.05 -33.72
CA ASN C 41 11.07 18.61 -34.49
C ASN C 41 10.05 17.54 -34.89
N ASN C 42 10.24 16.32 -34.38
CA ASN C 42 9.26 15.25 -34.55
C ASN C 42 7.91 15.60 -33.94
N THR C 43 6.84 15.32 -34.67
CA THR C 43 5.48 15.52 -34.17
C THR C 43 4.98 14.27 -33.47
N PHE C 44 5.46 13.11 -33.94
CA PHE C 44 5.16 11.83 -33.32
C PHE C 44 6.47 11.12 -32.93
N VAL C 45 6.42 10.42 -31.80
CA VAL C 45 7.57 9.63 -31.33
C VAL C 45 7.14 8.23 -30.94
N ASN C 46 8.11 7.31 -30.86
CA ASN C 46 7.86 5.98 -30.32
C ASN C 46 8.22 5.93 -28.85
N VAL C 47 7.39 5.25 -28.06
CA VAL C 47 7.58 5.13 -26.63
C VAL C 47 7.61 3.64 -26.29
N CYS C 48 8.65 3.22 -25.56
CA CYS C 48 8.80 1.83 -25.18
C CYS C 48 8.62 1.64 -23.68
N TYR C 49 7.68 0.77 -23.30
CA TYR C 49 7.37 0.53 -21.88
C TYR C 49 6.95 -0.92 -21.63
N GLU C 50 7.63 -1.58 -20.70
CA GLU C 50 7.40 -2.98 -20.35
C GLU C 50 7.31 -3.89 -21.59
N GLY C 51 8.11 -3.58 -22.61
CA GLY C 51 8.26 -4.43 -23.79
C GLY C 51 7.38 -4.12 -24.97
N LEU C 52 6.49 -3.14 -24.82
CA LEU C 52 5.59 -2.76 -25.90
C LEU C 52 5.92 -1.36 -26.41
N MET C 53 5.91 -1.23 -27.74
CA MET C 53 6.14 0.04 -28.41
C MET C 53 4.82 0.72 -28.74
N TYR C 54 4.75 2.02 -28.47
CA TYR C 54 3.57 2.81 -28.75
C TYR C 54 3.97 4.02 -29.60
N GLU C 55 3.06 4.49 -30.42
CA GLU C 55 3.25 5.78 -31.08
C GLU C 55 2.59 6.85 -30.21
N ALA C 56 3.30 7.96 -30.01
CA ALA C 56 2.83 9.01 -29.13
C ALA C 56 3.02 10.38 -29.76
N LYS C 57 2.05 11.26 -29.53
CA LYS C 57 2.07 12.60 -30.11
C LYS C 57 2.64 13.63 -29.13
N VAL C 58 3.58 14.43 -29.63
CA VAL C 58 4.14 15.54 -28.87
C VAL C 58 3.05 16.59 -28.62
N ARG C 59 2.84 16.92 -27.35
CA ARG C 59 1.77 17.84 -26.95
C ARG C 59 2.23 19.30 -26.96
N TYR C 60 3.34 19.58 -26.27
CA TYR C 60 3.73 20.96 -25.96
C TYR C 60 5.24 21.10 -25.79
N MET C 61 5.79 22.12 -26.43
CA MET C 61 7.22 22.45 -26.35
C MET C 61 7.39 23.89 -25.87
N PRO C 62 7.60 24.08 -24.56
CA PRO C 62 7.76 25.42 -24.00
C PRO C 62 9.11 26.06 -24.34
N GLU C 63 9.36 27.26 -23.80
CA GLU C 63 10.63 27.95 -23.99
C GLU C 63 11.79 27.14 -23.40
N LYS C 64 11.57 26.58 -22.19
CA LYS C 64 12.52 25.65 -21.57
C LYS C 64 12.78 24.44 -22.47
N ASP C 65 13.96 23.85 -22.34
CA ASP C 65 14.36 22.71 -23.15
C ASP C 65 13.77 21.39 -22.61
N ILE C 66 12.45 21.39 -22.48
CA ILE C 66 11.67 20.26 -22.00
C ILE C 66 10.57 20.00 -23.03
N ALA C 67 10.21 18.72 -23.22
CA ALA C 67 9.15 18.35 -24.13
C ALA C 67 8.06 17.57 -23.40
N PHE C 68 6.79 17.91 -23.67
CA PHE C 68 5.65 17.17 -23.12
C PHE C 68 4.97 16.33 -24.21
N ILE C 69 4.85 15.04 -23.93
CA ILE C 69 4.21 14.09 -24.83
C ILE C 69 2.93 13.55 -24.17
N THR C 70 1.84 13.50 -24.92
CA THR C 70 0.60 12.89 -24.44
C THR C 70 0.79 11.39 -24.27
N CYS C 71 0.58 10.90 -23.05
CA CYS C 71 0.67 9.47 -22.81
C CYS C 71 -0.40 8.77 -23.65
N PRO C 72 0.01 7.77 -24.46
CA PRO C 72 -0.96 7.00 -25.25
C PRO C 72 -2.06 6.45 -24.35
N GLY C 73 -3.28 6.40 -24.87
CA GLY C 73 -4.45 5.96 -24.09
C GLY C 73 -4.38 4.52 -23.59
N ASP C 74 -3.63 3.68 -24.30
CA ASP C 74 -3.54 2.25 -23.97
C ASP C 74 -2.32 1.90 -23.11
N LEU C 75 -1.48 2.90 -22.85
CA LEU C 75 -0.31 2.74 -21.98
C LEU C 75 -0.66 3.19 -20.56
N HIS C 76 -0.65 2.24 -19.64
CA HIS C 76 -1.08 2.45 -18.26
C HIS C 76 0.11 2.26 -17.32
N PRO C 77 0.89 3.33 -17.06
CA PRO C 77 2.12 3.17 -16.28
C PRO C 77 1.83 2.76 -14.83
N THR C 78 2.71 1.95 -14.24
CA THR C 78 2.54 1.49 -12.86
C THR C 78 2.91 2.56 -11.86
N ALA C 79 3.65 3.57 -12.31
CA ALA C 79 4.06 4.68 -11.46
C ALA C 79 4.17 5.97 -12.27
N ARG C 80 3.94 7.08 -11.58
CA ARG C 80 4.11 8.41 -12.14
C ARG C 80 4.88 9.26 -11.13
N LEU C 81 5.54 10.30 -11.61
CA LEU C 81 6.28 11.19 -10.74
C LEU C 81 5.52 12.49 -10.49
N LYS C 82 5.54 12.94 -9.23
CA LYS C 82 4.95 14.22 -8.86
C LYS C 82 6.05 15.25 -8.67
N LEU C 83 5.70 16.52 -8.86
CA LEU C 83 6.64 17.60 -8.65
C LEU C 83 6.77 17.93 -7.16
N SER C 84 7.93 18.47 -6.77
CA SER C 84 8.20 18.81 -5.38
C SER C 84 7.53 20.14 -5.01
N LYS C 85 6.95 20.17 -3.81
CA LYS C 85 6.29 21.37 -3.30
C LYS C 85 7.33 22.34 -2.73
N ASN C 86 8.17 21.83 -1.84
CA ASN C 86 9.24 22.61 -1.23
C ASN C 86 10.59 21.97 -1.57
N PRO C 87 11.13 22.32 -2.76
CA PRO C 87 12.28 21.66 -3.34
C PRO C 87 13.58 21.87 -2.57
N ASP C 88 14.20 20.77 -2.16
CA ASP C 88 15.56 20.77 -1.65
C ASP C 88 16.48 20.36 -2.79
N TYR C 89 17.25 21.32 -3.30
CA TYR C 89 18.16 21.09 -4.43
C TYR C 89 19.55 20.64 -4.01
N SER C 90 19.78 20.43 -2.71
CA SER C 90 21.11 20.11 -2.20
C SER C 90 21.58 18.69 -2.55
N CYS C 91 20.63 17.80 -2.81
CA CYS C 91 20.95 16.47 -3.31
C CYS C 91 19.81 15.87 -4.13
N VAL C 92 20.17 14.89 -4.97
CA VAL C 92 19.26 14.36 -5.99
C VAL C 92 19.33 12.84 -6.14
N THR C 93 18.31 12.28 -6.78
CA THR C 93 18.33 10.92 -7.29
C THR C 93 18.07 11.02 -8.80
N VAL C 94 18.96 10.44 -9.61
CA VAL C 94 18.77 10.41 -11.07
C VAL C 94 18.49 8.97 -11.49
N MET C 95 17.42 8.76 -12.27
CA MET C 95 17.12 7.43 -12.81
C MET C 95 17.05 7.53 -14.32
N ALA C 96 17.66 6.57 -15.01
CA ALA C 96 17.62 6.57 -16.47
C ALA C 96 17.73 5.17 -17.06
N TYR C 97 17.33 5.05 -18.32
CA TYR C 97 17.71 3.88 -19.11
C TYR C 97 18.96 4.21 -19.93
N VAL C 98 20.00 3.40 -19.77
CA VAL C 98 21.22 3.49 -20.57
C VAL C 98 21.35 2.18 -21.34
N ASN C 99 21.14 2.27 -22.66
CA ASN C 99 21.05 1.08 -23.50
C ASN C 99 19.98 0.13 -22.95
N GLU C 100 20.36 -1.09 -22.55
CA GLU C 100 19.38 -2.07 -22.05
C GLU C 100 19.10 -1.95 -20.55
N ASP C 101 19.86 -1.10 -19.86
CA ASP C 101 19.91 -1.14 -18.40
C ASP C 101 19.27 0.05 -17.71
N LEU C 102 18.59 -0.23 -16.58
CA LEU C 102 18.19 0.80 -15.64
C LEU C 102 19.43 1.22 -14.86
N VAL C 103 19.60 2.53 -14.66
CA VAL C 103 20.70 3.06 -13.86
C VAL C 103 20.14 4.11 -12.90
N VAL C 104 20.39 3.94 -11.60
CA VAL C 104 19.97 4.90 -10.58
C VAL C 104 21.20 5.31 -9.77
N SER C 105 21.35 6.61 -9.54
CA SER C 105 22.39 7.12 -8.65
C SER C 105 21.97 8.37 -7.88
N THR C 106 22.56 8.54 -6.71
CA THR C 106 22.42 9.77 -5.91
C THR C 106 23.64 10.68 -6.14
N ALA C 107 23.48 11.96 -5.81
CA ALA C 107 24.56 12.93 -5.90
C ALA C 107 24.23 14.23 -5.17
N ALA C 108 25.27 14.94 -4.72
CA ALA C 108 25.12 16.32 -4.28
C ALA C 108 24.80 17.15 -5.51
N ALA C 109 24.03 18.22 -5.33
CA ALA C 109 23.64 19.06 -6.45
C ALA C 109 23.71 20.55 -6.11
N MET C 110 23.78 21.38 -7.15
CA MET C 110 23.77 22.84 -7.00
C MET C 110 22.85 23.45 -8.04
N VAL C 111 21.96 24.33 -7.57
CA VAL C 111 21.05 25.03 -8.47
C VAL C 111 21.58 26.44 -8.77
N TYR C 112 21.38 26.88 -10.01
CA TYR C 112 21.76 28.23 -10.42
C TYR C 112 20.91 28.66 -11.61
N GLY C 113 20.04 29.65 -11.36
CA GLY C 113 19.01 30.02 -12.31
C GLY C 113 18.10 28.83 -12.51
N ASN C 114 17.91 28.45 -13.76
CA ASN C 114 17.07 27.29 -14.11
C ASN C 114 17.86 26.00 -14.37
N THR C 115 19.15 26.00 -14.03
CA THR C 115 20.00 24.82 -14.20
C THR C 115 20.31 24.16 -12.86
N LEU C 116 20.26 22.83 -12.86
CA LEU C 116 20.69 22.02 -11.72
C LEU C 116 21.90 21.20 -12.14
N SER C 117 22.96 21.25 -11.33
CA SER C 117 24.22 20.56 -11.63
C SER C 117 24.58 19.54 -10.57
N TYR C 118 25.14 18.42 -10.99
CA TYR C 118 25.41 17.26 -10.15
C TYR C 118 26.42 16.34 -10.85
N ALA C 119 27.21 15.62 -10.06
CA ALA C 119 28.15 14.65 -10.61
C ALA C 119 27.41 13.44 -11.17
N VAL C 120 27.88 12.93 -12.30
CA VAL C 120 27.36 11.68 -12.87
C VAL C 120 28.46 10.63 -12.84
N ARG C 121 28.09 9.39 -12.48
CA ARG C 121 29.05 8.29 -12.37
C ARG C 121 29.50 7.82 -13.77
N THR C 122 28.69 8.15 -14.77
CA THR C 122 28.88 7.70 -16.14
C THR C 122 28.68 8.83 -17.15
N GLN C 123 29.38 8.74 -18.28
CA GLN C 123 29.22 9.72 -19.37
C GLN C 123 28.22 9.29 -20.43
N ASP C 124 27.55 8.16 -20.19
CA ASP C 124 26.51 7.66 -21.08
C ASP C 124 25.33 8.64 -21.17
N GLY C 125 24.61 8.55 -22.28
CA GLY C 125 23.46 9.42 -22.55
C GLY C 125 22.29 9.19 -21.61
N MET C 126 21.90 10.25 -20.91
CA MET C 126 20.77 10.19 -19.99
C MET C 126 19.75 11.26 -20.30
N SER C 127 19.78 11.76 -21.53
CA SER C 127 18.89 12.84 -21.95
C SER C 127 17.42 12.53 -21.65
N GLY C 128 16.78 13.44 -20.91
CA GLY C 128 15.37 13.31 -20.56
C GLY C 128 15.10 12.62 -19.23
N ALA C 129 16.14 12.07 -18.62
CA ALA C 129 16.03 11.41 -17.32
C ALA C 129 15.48 12.36 -16.24
N PRO C 130 14.56 11.87 -15.40
CA PRO C 130 14.08 12.68 -14.28
C PRO C 130 15.14 12.83 -13.20
N VAL C 131 15.29 14.05 -12.68
CA VAL C 131 16.21 14.31 -11.58
C VAL C 131 15.33 14.63 -10.36
N CYS C 132 15.31 13.72 -9.39
CA CYS C 132 14.37 13.80 -8.29
C CYS C 132 15.03 14.30 -7.01
N ASP C 133 14.22 14.80 -6.07
CA ASP C 133 14.72 15.11 -4.73
C ASP C 133 14.85 13.84 -3.89
N LYS C 134 15.26 14.00 -2.63
CA LYS C 134 15.48 12.88 -1.72
C LYS C 134 14.21 12.07 -1.43
N TYR C 135 13.06 12.62 -1.80
CA TYR C 135 11.76 11.97 -1.59
C TYR C 135 11.10 11.45 -2.87
N CYS C 136 11.84 11.48 -3.98
CA CYS C 136 11.37 10.89 -5.24
C CYS C 136 10.46 11.78 -6.06
N ARG C 137 10.38 13.06 -5.71
CA ARG C 137 9.63 14.05 -6.48
C ARG C 137 10.56 14.69 -7.52
N VAL C 138 10.06 14.91 -8.74
CA VAL C 138 10.91 15.43 -9.83
C VAL C 138 11.24 16.91 -9.64
N LEU C 139 12.53 17.24 -9.71
CA LEU C 139 13.00 18.61 -9.64
C LEU C 139 13.36 19.18 -11.01
N ALA C 140 13.87 18.32 -11.90
CA ALA C 140 14.46 18.76 -13.15
C ALA C 140 14.51 17.65 -14.21
N VAL C 141 14.78 18.04 -15.46
CA VAL C 141 14.93 17.11 -16.57
C VAL C 141 16.37 17.14 -17.10
N HIS C 142 17.09 16.06 -16.97
CA HIS C 142 18.45 15.97 -17.42
C HIS C 142 18.67 16.28 -18.89
N GLN C 143 19.64 17.12 -19.18
CA GLN C 143 19.87 17.67 -20.52
C GLN C 143 21.10 17.06 -21.19
N THR C 144 22.25 17.27 -20.55
CA THR C 144 23.53 16.87 -21.10
C THR C 144 24.57 16.72 -19.99
N ASN C 145 25.74 16.20 -20.35
CA ASN C 145 26.87 16.11 -19.46
C ASN C 145 28.09 16.82 -20.03
N THR C 146 28.93 17.36 -19.14
CA THR C 146 30.23 17.91 -19.50
C THR C 146 31.23 17.74 -18.34
N GLY C 147 32.12 16.75 -18.40
CA GLY C 147 31.89 15.49 -19.07
C GLY C 147 31.29 14.63 -17.97
N TYR C 148 31.92 14.66 -16.79
CA TYR C 148 31.39 13.98 -15.59
C TYR C 148 30.46 14.85 -14.73
N THR C 149 30.05 16.00 -15.27
CA THR C 149 29.08 16.86 -14.59
C THR C 149 27.80 16.92 -15.40
N GLY C 150 26.70 16.48 -14.79
CA GLY C 150 25.39 16.53 -15.44
C GLY C 150 24.75 17.91 -15.33
N GLY C 151 23.93 18.24 -16.32
CA GLY C 151 23.16 19.47 -16.30
C GLY C 151 21.70 19.18 -16.59
N ALA C 152 20.82 19.72 -15.75
CA ALA C 152 19.38 19.53 -15.90
C ALA C 152 18.66 20.87 -15.84
N VAL C 153 17.54 20.96 -16.56
CA VAL C 153 16.66 22.12 -16.51
C VAL C 153 15.57 21.90 -15.47
N ILE C 154 15.47 22.81 -14.51
CA ILE C 154 14.46 22.75 -13.45
C ILE C 154 13.05 22.79 -14.03
N ILE C 155 12.17 21.94 -13.48
CA ILE C 155 10.79 21.83 -13.95
C ILE C 155 9.79 22.38 -12.91
N ASP C 156 8.73 23.00 -13.43
CA ASP C 156 7.78 23.76 -12.63
C ASP C 156 6.36 23.41 -13.11
N PRO C 157 5.37 23.41 -12.18
CA PRO C 157 3.98 23.13 -12.58
C PRO C 157 3.46 24.05 -13.69
N THR C 158 3.99 25.28 -13.77
CA THR C 158 3.61 26.24 -14.80
C THR C 158 4.19 25.88 -16.17
N ASP C 159 5.20 25.01 -16.20
CA ASP C 159 5.86 24.60 -17.44
C ASP C 159 4.99 23.68 -18.30
N PHE C 160 4.02 23.00 -17.66
CA PHE C 160 3.18 22.02 -18.33
C PHE C 160 2.24 22.61 -19.38
N HIS C 161 1.83 23.86 -19.19
CA HIS C 161 0.86 24.52 -20.08
C HIS C 161 1.21 26.00 -20.31
N PRO C 162 0.90 26.53 -21.51
CA PRO C 162 1.13 27.95 -21.81
C PRO C 162 0.02 28.85 -21.26
N LYS D 1 14.61 -3.76 -26.30
CA LYS D 1 14.82 -4.68 -25.14
C LYS D 1 15.46 -3.94 -23.96
N HIS D 2 14.76 -3.90 -22.84
CA HIS D 2 15.26 -3.25 -21.63
C HIS D 2 14.96 -4.06 -20.37
N HIS D 3 15.82 -3.93 -19.38
CA HIS D 3 15.61 -4.57 -18.08
C HIS D 3 14.68 -3.71 -17.22
N HIS D 4 13.39 -3.96 -17.32
CA HIS D 4 12.39 -3.24 -16.53
C HIS D 4 12.08 -4.02 -15.23
N HIS D 5 12.92 -3.81 -14.22
CA HIS D 5 12.85 -4.60 -12.99
C HIS D 5 11.95 -3.95 -11.94
N HIS D 6 11.65 -4.68 -10.87
CA HIS D 6 10.63 -4.26 -9.89
C HIS D 6 11.04 -4.44 -8.44
N HIS D 7 10.24 -3.85 -7.54
CA HIS D 7 10.43 -3.93 -6.09
C HIS D 7 11.88 -3.69 -5.66
N ILE D 8 12.43 -2.58 -6.12
CA ILE D 8 13.78 -2.15 -5.78
C ILE D 8 13.72 -1.34 -4.48
N LYS D 9 14.42 -1.83 -3.46
CA LYS D 9 14.29 -1.32 -2.10
C LYS D 9 15.62 -0.80 -1.51
N PRO D 10 16.00 0.45 -1.83
CA PRO D 10 17.23 1.07 -1.34
C PRO D 10 17.22 1.28 0.17
N GLY D 11 16.02 1.39 0.75
CA GLY D 11 15.84 1.45 2.20
C GLY D 11 16.18 0.14 2.91
N ALA D 12 16.41 -0.92 2.13
CA ALA D 12 16.86 -2.19 2.72
C ALA D 12 18.40 -2.27 2.83
N LEU D 13 19.08 -1.18 2.48
CA LEU D 13 20.54 -1.14 2.53
C LEU D 13 21.05 -0.40 3.76
N CYS D 14 22.24 -0.79 4.23
CA CYS D 14 22.98 -0.04 5.24
C CYS D 14 24.47 -0.06 4.92
N VAL D 15 25.26 0.60 5.76
CA VAL D 15 26.71 0.61 5.61
C VAL D 15 27.36 -0.03 6.84
N ILE D 16 28.26 -0.96 6.61
CA ILE D 16 28.99 -1.67 7.67
C ILE D 16 30.37 -1.05 7.79
N ASP D 17 30.77 -0.75 9.03
CA ASP D 17 32.05 -0.09 9.30
C ASP D 17 32.90 -0.93 10.25
N THR D 18 34.16 -1.10 9.87
CA THR D 18 35.16 -1.79 10.69
C THR D 18 36.45 -0.98 10.70
N PRO D 19 37.42 -1.36 11.57
CA PRO D 19 38.75 -0.74 11.47
C PRO D 19 39.42 -1.00 10.11
N GLU D 20 39.10 -2.14 9.50
CA GLU D 20 39.71 -2.53 8.23
C GLU D 20 39.11 -1.82 7.02
N GLY D 21 37.89 -1.29 7.17
CA GLY D 21 37.23 -0.55 6.10
C GLY D 21 35.70 -0.56 6.19
N LYS D 22 35.06 -0.24 5.06
CA LYS D 22 33.60 -0.15 4.96
C LYS D 22 33.05 -1.06 3.87
N GLY D 23 31.78 -1.44 4.00
CA GLY D 23 31.09 -2.25 3.00
C GLY D 23 29.58 -2.04 3.02
N THR D 24 28.89 -2.62 2.05
CA THR D 24 27.43 -2.59 2.03
C THR D 24 26.87 -3.79 2.79
N GLY D 25 25.78 -3.56 3.51
CA GLY D 25 24.99 -4.63 4.12
C GLY D 25 23.53 -4.47 3.72
N PHE D 26 22.74 -5.52 3.95
CA PHE D 26 21.30 -5.43 3.68
C PHE D 26 20.46 -6.20 4.69
N PHE D 27 19.30 -5.64 5.02
CA PHE D 27 18.39 -6.27 5.97
C PHE D 27 17.61 -7.40 5.31
N SER D 28 17.66 -8.57 5.94
CA SER D 28 16.82 -9.71 5.55
C SER D 28 16.39 -10.43 6.83
N GLY D 29 15.08 -10.54 7.02
CA GLY D 29 14.54 -11.11 8.26
C GLY D 29 14.98 -10.30 9.46
N ASN D 30 15.55 -10.98 10.45
CA ASN D 30 16.06 -10.34 11.65
C ASN D 30 17.56 -9.99 11.51
N ASP D 31 18.13 -10.26 10.34
CA ASP D 31 19.56 -10.11 10.11
C ASP D 31 19.98 -8.92 9.26
N ILE D 32 21.26 -8.61 9.32
CA ILE D 32 21.95 -7.80 8.32
C ILE D 32 22.95 -8.74 7.64
N VAL D 33 22.87 -8.81 6.32
CA VAL D 33 23.70 -9.72 5.53
C VAL D 33 24.77 -8.94 4.78
N THR D 34 25.97 -9.50 4.72
CA THR D 34 27.07 -8.88 4.01
C THR D 34 28.05 -9.96 3.52
N ALA D 35 29.13 -9.53 2.85
CA ALA D 35 30.18 -10.45 2.44
C ALA D 35 31.07 -10.79 3.63
N ALA D 36 31.54 -12.02 3.69
CA ALA D 36 32.38 -12.49 4.81
C ALA D 36 33.61 -11.62 5.05
N HIS D 37 34.18 -11.07 3.98
CA HIS D 37 35.41 -10.27 4.08
C HIS D 37 35.19 -8.81 4.49
N VAL D 38 33.93 -8.36 4.53
CA VAL D 38 33.59 -7.05 5.08
C VAL D 38 33.69 -7.10 6.62
N VAL D 39 33.33 -8.24 7.19
CA VAL D 39 33.38 -8.47 8.62
C VAL D 39 34.80 -8.88 9.04
N GLY D 40 35.34 -9.90 8.37
CA GLY D 40 36.63 -10.45 8.74
C GLY D 40 36.52 -11.26 10.02
N ASN D 41 37.45 -11.02 10.94
CA ASN D 41 37.47 -11.74 12.22
C ASN D 41 36.82 -10.96 13.37
N ASN D 42 36.20 -9.82 13.03
CA ASN D 42 35.51 -8.98 14.00
C ASN D 42 34.28 -9.68 14.57
N THR D 43 34.07 -9.53 15.89
CA THR D 43 32.89 -10.09 16.54
C THR D 43 31.79 -9.04 16.61
N PHE D 44 32.19 -7.77 16.61
CA PHE D 44 31.26 -6.65 16.60
C PHE D 44 31.61 -5.72 15.46
N VAL D 45 30.56 -5.19 14.82
CA VAL D 45 30.74 -4.22 13.74
C VAL D 45 29.87 -2.99 13.96
N ASN D 46 30.24 -1.89 13.31
CA ASN D 46 29.41 -0.70 13.28
C ASN D 46 28.47 -0.70 12.08
N VAL D 47 27.21 -0.33 12.31
CA VAL D 47 26.20 -0.28 11.26
C VAL D 47 25.67 1.14 11.17
N CYS D 48 25.73 1.71 9.96
CA CYS D 48 25.22 3.05 9.72
C CYS D 48 23.94 3.02 8.89
N TYR D 49 22.88 3.63 9.43
CA TYR D 49 21.56 3.64 8.78
C TYR D 49 20.81 4.93 9.08
N GLU D 50 20.36 5.58 8.00
CA GLU D 50 19.62 6.85 8.06
C GLU D 50 20.29 7.90 8.97
N GLY D 51 21.62 7.88 9.01
CA GLY D 51 22.42 8.86 9.77
C GLY D 51 22.81 8.48 11.18
N LEU D 52 22.36 7.31 11.65
CA LEU D 52 22.68 6.84 12.99
C LEU D 52 23.55 5.59 12.95
N MET D 53 24.65 5.63 13.71
CA MET D 53 25.56 4.50 13.83
C MET D 53 25.14 3.62 15.00
N TYR D 54 25.17 2.31 14.78
CA TYR D 54 24.83 1.32 15.80
C TYR D 54 25.99 0.35 15.97
N GLU D 55 26.09 -0.27 17.14
CA GLU D 55 26.98 -1.42 17.30
C GLU D 55 26.15 -2.68 17.12
N ALA D 56 26.67 -3.63 16.36
CA ALA D 56 25.96 -4.86 16.10
C ALA D 56 26.90 -6.06 16.23
N LYS D 57 26.32 -7.21 16.55
CA LYS D 57 27.10 -8.42 16.80
C LYS D 57 26.96 -9.43 15.67
N VAL D 58 28.09 -9.97 15.24
CA VAL D 58 28.13 -11.02 14.23
C VAL D 58 27.50 -12.30 14.80
N ARG D 59 26.53 -12.83 14.08
CA ARG D 59 25.76 -13.98 14.52
C ARG D 59 26.34 -15.30 14.01
N TYR D 60 26.69 -15.33 12.72
CA TYR D 60 27.03 -16.59 12.05
C TYR D 60 27.86 -16.37 10.80
N MET D 61 28.98 -17.08 10.73
CA MET D 61 29.85 -17.11 9.55
C MET D 61 29.89 -18.52 8.98
N PRO D 62 29.00 -18.85 8.02
CA PRO D 62 29.00 -20.17 7.38
C PRO D 62 30.22 -20.40 6.48
N GLU D 63 30.28 -21.56 5.82
CA GLU D 63 31.39 -21.89 4.91
C GLU D 63 31.43 -20.96 3.69
N LYS D 64 30.25 -20.61 3.16
CA LYS D 64 30.12 -19.61 2.09
C LYS D 64 30.68 -18.26 2.53
N ASP D 65 31.16 -17.48 1.58
CA ASP D 65 31.74 -16.16 1.85
C ASP D 65 30.67 -15.09 2.16
N ILE D 66 29.77 -15.43 3.08
CA ILE D 66 28.65 -14.56 3.48
C ILE D 66 28.66 -14.43 5.01
N ALA D 67 28.26 -13.26 5.51
CA ALA D 67 28.21 -13.00 6.95
C ALA D 67 26.84 -12.55 7.43
N PHE D 68 26.43 -13.09 8.58
CA PHE D 68 25.14 -12.75 9.20
C PHE D 68 25.34 -12.00 10.52
N ILE D 69 24.75 -10.81 10.58
CA ILE D 69 24.82 -9.92 11.74
C ILE D 69 23.41 -9.74 12.30
N THR D 70 23.25 -9.94 13.61
CA THR D 70 21.98 -9.66 14.26
C THR D 70 21.67 -8.16 14.19
N CYS D 71 20.51 -7.83 13.63
CA CYS D 71 20.07 -6.44 13.54
C CYS D 71 19.84 -5.90 14.95
N PRO D 72 20.49 -4.77 15.28
CA PRO D 72 20.27 -4.10 16.58
C PRO D 72 18.78 -3.88 16.87
N GLY D 73 18.39 -4.06 18.14
CA GLY D 73 16.99 -3.99 18.54
C GLY D 73 16.29 -2.67 18.30
N ASP D 74 17.07 -1.59 18.27
CA ASP D 74 16.55 -0.23 18.12
C ASP D 74 16.61 0.29 16.68
N LEU D 75 17.14 -0.54 15.77
CA LEU D 75 17.25 -0.22 14.36
C LEU D 75 16.07 -0.87 13.63
N HIS D 76 15.11 -0.04 13.22
CA HIS D 76 13.87 -0.51 12.60
C HIS D 76 13.91 -0.16 11.12
N PRO D 77 14.42 -1.09 10.27
CA PRO D 77 14.61 -0.73 8.87
C PRO D 77 13.26 -0.55 8.16
N THR D 78 13.19 0.40 7.22
CA THR D 78 11.96 0.62 6.45
C THR D 78 11.70 -0.45 5.40
N ALA D 79 12.74 -1.21 5.03
CA ALA D 79 12.60 -2.29 4.05
C ALA D 79 13.53 -3.47 4.33
N ARG D 80 13.09 -4.65 3.93
CA ARG D 80 13.89 -5.86 4.02
C ARG D 80 13.82 -6.63 2.70
N LEU D 81 14.85 -7.41 2.41
CA LEU D 81 14.85 -8.24 1.20
C LEU D 81 14.47 -9.68 1.53
N LYS D 82 13.61 -10.25 0.70
CA LYS D 82 13.27 -11.66 0.79
C LYS D 82 14.03 -12.44 -0.28
N LEU D 83 14.24 -13.74 -0.04
CA LEU D 83 14.92 -14.59 -0.99
C LEU D 83 13.96 -15.10 -2.07
N SER D 84 14.51 -15.57 -3.17
CA SER D 84 13.71 -15.96 -4.33
C SER D 84 13.11 -17.36 -4.17
N LYS D 85 11.84 -17.49 -4.55
CA LYS D 85 11.16 -18.79 -4.54
C LYS D 85 11.52 -19.58 -5.80
N ASN D 86 11.23 -18.97 -6.96
CA ASN D 86 11.58 -19.54 -8.26
C ASN D 86 12.64 -18.67 -8.94
N PRO D 87 13.93 -18.86 -8.57
CA PRO D 87 14.99 -17.90 -8.90
C PRO D 87 15.38 -17.89 -10.37
N ASP D 88 15.26 -16.71 -11.00
CA ASP D 88 15.74 -16.49 -12.35
C ASP D 88 17.06 -15.71 -12.30
N TYR D 89 18.16 -16.42 -12.58
CA TYR D 89 19.50 -15.85 -12.51
C TYR D 89 19.95 -15.18 -13.81
N SER D 90 19.06 -15.13 -14.80
CA SER D 90 19.44 -14.65 -16.14
C SER D 90 19.63 -13.13 -16.22
N CYS D 91 18.99 -12.41 -15.30
CA CYS D 91 19.21 -10.97 -15.14
C CYS D 91 19.02 -10.52 -13.68
N VAL D 92 19.61 -9.38 -13.34
CA VAL D 92 19.73 -8.94 -11.94
C VAL D 92 19.53 -7.44 -11.75
N THR D 93 19.30 -7.05 -10.50
CA THR D 93 19.40 -5.67 -10.06
C THR D 93 20.42 -5.66 -8.93
N VAL D 94 21.47 -4.85 -9.07
CA VAL D 94 22.49 -4.73 -8.02
C VAL D 94 22.34 -3.36 -7.37
N MET D 95 22.26 -3.35 -6.04
CA MET D 95 22.10 -2.14 -5.25
C MET D 95 23.26 -2.01 -4.29
N ALA D 96 23.92 -0.85 -4.27
CA ALA D 96 25.09 -0.66 -3.40
C ALA D 96 25.30 0.78 -2.98
N TYR D 97 25.95 0.95 -1.82
CA TYR D 97 26.55 2.22 -1.44
C TYR D 97 28.00 2.25 -1.93
N VAL D 98 28.32 3.27 -2.72
CA VAL D 98 29.68 3.49 -3.22
C VAL D 98 30.09 4.87 -2.73
N ASN D 99 30.98 4.89 -1.74
CA ASN D 99 31.32 6.13 -1.01
C ASN D 99 30.04 6.71 -0.40
N GLU D 100 29.71 7.95 -0.73
CA GLU D 100 28.50 8.60 -0.20
C GLU D 100 27.21 8.24 -0.94
N ASP D 101 27.35 7.57 -2.09
CA ASP D 101 26.24 7.48 -3.04
C ASP D 101 25.61 6.10 -3.17
N LEU D 102 24.29 6.09 -3.31
CA LEU D 102 23.58 4.90 -3.74
C LEU D 102 23.84 4.69 -5.23
N VAL D 103 24.13 3.46 -5.60
CA VAL D 103 24.25 3.08 -7.01
C VAL D 103 23.37 1.86 -7.24
N VAL D 104 22.44 1.98 -8.20
CA VAL D 104 21.60 0.85 -8.60
C VAL D 104 21.75 0.67 -10.11
N SER D 105 21.93 -0.58 -10.55
CA SER D 105 21.94 -0.89 -11.99
C SER D 105 21.47 -2.31 -12.27
N THR D 106 20.94 -2.53 -13.47
CA THR D 106 20.59 -3.87 -13.90
C THR D 106 21.70 -4.44 -14.78
N ALA D 107 21.70 -5.77 -14.95
CA ALA D 107 22.59 -6.43 -15.90
C ALA D 107 22.08 -7.83 -16.19
N ALA D 108 22.49 -8.36 -17.34
CA ALA D 108 22.39 -9.79 -17.60
C ALA D 108 23.38 -10.50 -16.68
N ALA D 109 23.08 -11.74 -16.31
CA ALA D 109 23.93 -12.51 -15.41
C ALA D 109 24.01 -13.98 -15.85
N MET D 110 24.97 -14.71 -15.28
CA MET D 110 25.11 -16.15 -15.55
C MET D 110 25.67 -16.87 -14.33
N VAL D 111 25.10 -18.04 -14.03
CA VAL D 111 25.53 -18.88 -12.93
C VAL D 111 26.74 -19.75 -13.31
N TYR D 112 27.71 -19.81 -12.40
CA TYR D 112 28.87 -20.69 -12.52
C TYR D 112 29.02 -21.42 -11.19
N GLY D 113 28.27 -22.52 -11.03
CA GLY D 113 28.23 -23.25 -9.77
C GLY D 113 27.57 -22.42 -8.68
N ASN D 114 28.37 -22.00 -7.70
CA ASN D 114 27.90 -21.16 -6.61
C ASN D 114 28.06 -19.66 -6.88
N THR D 115 28.73 -19.34 -7.98
CA THR D 115 29.04 -17.96 -8.33
C THR D 115 28.06 -17.39 -9.36
N LEU D 116 27.72 -16.12 -9.20
CA LEU D 116 26.96 -15.38 -10.19
C LEU D 116 27.82 -14.24 -10.72
N SER D 117 27.90 -14.12 -12.04
CA SER D 117 28.70 -13.06 -12.67
C SER D 117 27.83 -12.17 -13.56
N TYR D 118 28.18 -10.89 -13.61
CA TYR D 118 27.33 -9.85 -14.22
C TYR D 118 28.17 -8.60 -14.44
N ALA D 119 27.77 -7.80 -15.43
CA ALA D 119 28.37 -6.49 -15.66
C ALA D 119 28.07 -5.52 -14.51
N VAL D 120 29.06 -4.70 -14.14
CA VAL D 120 28.86 -3.63 -13.17
C VAL D 120 29.20 -2.28 -13.81
N ARG D 121 28.51 -1.23 -13.37
CA ARG D 121 28.66 0.11 -13.94
C ARG D 121 29.93 0.81 -13.47
N THR D 122 30.36 0.49 -12.25
CA THR D 122 31.59 1.06 -11.72
C THR D 122 32.62 -0.03 -11.41
N GLN D 123 33.90 0.35 -11.43
CA GLN D 123 34.97 -0.54 -10.99
C GLN D 123 35.25 -0.34 -9.51
N ASP D 124 34.50 0.57 -8.89
CA ASP D 124 34.52 0.76 -7.44
C ASP D 124 33.98 -0.48 -6.75
N GLY D 125 34.49 -0.75 -5.56
CA GLY D 125 34.09 -1.91 -4.78
C GLY D 125 32.64 -1.82 -4.28
N MET D 126 31.96 -2.95 -4.30
CA MET D 126 30.58 -3.04 -3.84
C MET D 126 30.41 -4.22 -2.89
N SER D 127 31.49 -4.58 -2.19
CA SER D 127 31.50 -5.75 -1.30
C SER D 127 30.28 -5.80 -0.38
N GLY D 128 29.57 -6.92 -0.42
CA GLY D 128 28.42 -7.16 0.47
C GLY D 128 27.07 -6.74 -0.09
N ALA D 129 27.09 -6.06 -1.23
CA ALA D 129 25.87 -5.57 -1.86
C ALA D 129 24.95 -6.72 -2.30
N PRO D 130 23.63 -6.53 -2.14
CA PRO D 130 22.68 -7.55 -2.57
C PRO D 130 22.52 -7.57 -4.09
N VAL D 131 22.47 -8.78 -4.64
CA VAL D 131 22.25 -8.95 -6.07
C VAL D 131 20.87 -9.60 -6.17
N CYS D 132 19.91 -8.83 -6.67
CA CYS D 132 18.51 -9.24 -6.68
C CYS D 132 18.02 -9.67 -8.07
N ASP D 133 16.94 -10.47 -8.09
CA ASP D 133 16.25 -10.80 -9.34
C ASP D 133 15.40 -9.63 -9.84
N LYS D 134 14.71 -9.83 -10.96
CA LYS D 134 13.87 -8.80 -11.58
C LYS D 134 12.71 -8.35 -10.71
N TYR D 135 12.41 -9.13 -9.68
CA TYR D 135 11.32 -8.83 -8.75
C TYR D 135 11.78 -8.26 -7.41
N CYS D 136 13.09 -8.04 -7.27
CA CYS D 136 13.64 -7.41 -6.06
C CYS D 136 13.97 -8.36 -4.93
N ARG D 137 13.87 -9.66 -5.19
CA ARG D 137 14.25 -10.68 -4.23
C ARG D 137 15.74 -10.97 -4.35
N VAL D 138 16.42 -11.18 -3.21
CA VAL D 138 17.87 -11.35 -3.19
C VAL D 138 18.31 -12.76 -3.66
N LEU D 139 19.19 -12.78 -4.66
CA LEU D 139 19.75 -14.01 -5.22
C LEU D 139 21.13 -14.31 -4.67
N ALA D 140 21.92 -13.27 -4.45
CA ALA D 140 23.35 -13.42 -4.23
C ALA D 140 23.95 -12.23 -3.49
N VAL D 141 25.16 -12.43 -2.96
CA VAL D 141 25.91 -11.38 -2.24
C VAL D 141 27.18 -11.01 -3.01
N HIS D 142 27.28 -9.79 -3.47
CA HIS D 142 28.42 -9.33 -4.21
C HIS D 142 29.72 -9.47 -3.47
N GLN D 143 30.73 -9.98 -4.14
CA GLN D 143 32.01 -10.33 -3.52
C GLN D 143 33.15 -9.46 -4.03
N THR D 144 33.34 -9.45 -5.35
CA THR D 144 34.46 -8.77 -5.97
C THR D 144 34.15 -8.33 -7.40
N ASN D 145 35.00 -7.46 -7.94
CA ASN D 145 34.97 -7.14 -9.35
C ASN D 145 36.37 -7.24 -9.96
N THR D 146 36.40 -7.64 -11.23
CA THR D 146 37.61 -7.60 -12.04
C THR D 146 37.26 -6.81 -13.28
N GLY D 147 37.73 -5.56 -13.33
CA GLY D 147 37.28 -4.62 -14.36
C GLY D 147 35.82 -4.32 -14.17
N TYR D 148 35.07 -4.33 -15.27
CA TYR D 148 33.62 -4.09 -15.24
C TYR D 148 32.78 -5.37 -15.05
N THR D 149 33.41 -6.43 -14.56
CA THR D 149 32.69 -7.68 -14.28
C THR D 149 32.64 -7.94 -12.78
N GLY D 150 31.42 -7.98 -12.24
CA GLY D 150 31.22 -8.29 -10.84
C GLY D 150 31.02 -9.78 -10.63
N GLY D 151 31.31 -10.24 -9.41
CA GLY D 151 31.11 -11.63 -9.02
C GLY D 151 30.46 -11.72 -7.65
N ALA D 152 29.48 -12.63 -7.52
CA ALA D 152 28.71 -12.79 -6.29
C ALA D 152 28.54 -14.25 -5.90
N VAL D 153 28.27 -14.49 -4.61
CA VAL D 153 27.97 -15.83 -4.11
C VAL D 153 26.46 -15.98 -3.90
N ILE D 154 25.87 -16.97 -4.58
CA ILE D 154 24.44 -17.27 -4.45
C ILE D 154 24.08 -17.64 -3.01
N ILE D 155 22.95 -17.14 -2.54
CA ILE D 155 22.50 -17.37 -1.16
C ILE D 155 21.26 -18.28 -1.09
N ASP D 156 21.26 -19.16 -0.10
CA ASP D 156 20.15 -20.09 0.20
C ASP D 156 19.49 -19.68 1.52
N PRO D 157 18.20 -20.01 1.70
CA PRO D 157 17.60 -19.95 3.03
C PRO D 157 18.33 -20.84 4.03
N THR D 158 19.00 -21.89 3.54
CA THR D 158 19.75 -22.83 4.37
C THR D 158 21.05 -22.24 4.91
N ASP D 159 21.52 -21.17 4.28
CA ASP D 159 22.77 -20.51 4.66
C ASP D 159 22.63 -19.68 5.94
N PHE D 160 21.39 -19.35 6.30
CA PHE D 160 21.10 -18.51 7.46
C PHE D 160 21.45 -19.16 8.80
N HIS D 161 21.32 -20.48 8.88
CA HIS D 161 21.56 -21.20 10.14
C HIS D 161 22.38 -22.49 9.93
N PRO D 162 23.20 -22.89 10.94
CA PRO D 162 23.93 -24.16 10.87
C PRO D 162 23.06 -25.35 11.24
N LYS E 1 -21.75 1.27 21.52
CA LYS E 1 -20.95 2.21 20.67
C LYS E 1 -19.50 2.33 21.10
N HIS E 2 -18.61 2.27 20.12
CA HIS E 2 -17.18 2.42 20.35
C HIS E 2 -16.60 3.37 19.32
N HIS E 3 -15.49 4.02 19.66
CA HIS E 3 -14.82 4.91 18.72
C HIS E 3 -13.83 4.10 17.86
N HIS E 4 -14.31 3.60 16.72
CA HIS E 4 -13.45 2.83 15.82
C HIS E 4 -12.83 3.76 14.77
N HIS E 5 -11.68 4.33 15.12
CA HIS E 5 -11.02 5.35 14.32
C HIS E 5 -9.97 4.75 13.37
N HIS E 6 -9.50 5.55 12.41
CA HIS E 6 -8.66 5.02 11.32
C HIS E 6 -7.44 5.89 11.03
N HIS E 7 -6.49 5.30 10.29
CA HIS E 7 -5.26 5.96 9.82
C HIS E 7 -4.47 6.63 10.93
N ILE E 8 -4.30 5.88 12.02
CA ILE E 8 -3.51 6.30 13.18
C ILE E 8 -2.03 6.08 12.88
N LYS E 9 -1.27 7.17 12.83
CA LYS E 9 0.13 7.14 12.39
C LYS E 9 1.16 7.58 13.45
N PRO E 10 1.59 6.67 14.33
CA PRO E 10 2.60 6.98 15.35
C PRO E 10 3.96 7.41 14.79
N GLY E 11 4.27 6.98 13.57
CA GLY E 11 5.51 7.37 12.90
C GLY E 11 5.57 8.84 12.54
N ALA E 12 4.43 9.53 12.62
CA ALA E 12 4.38 10.96 12.34
C ALA E 12 4.72 11.80 13.59
N LEU E 13 5.04 11.12 14.69
CA LEU E 13 5.37 11.78 15.96
C LEU E 13 6.87 11.91 16.20
N CYS E 14 7.25 12.99 16.89
CA CYS E 14 8.60 13.14 17.40
C CYS E 14 8.56 13.77 18.80
N VAL E 15 9.72 13.82 19.44
CA VAL E 15 9.87 14.49 20.74
C VAL E 15 10.70 15.74 20.57
N ILE E 16 10.24 16.85 21.14
CA ILE E 16 10.98 18.12 21.12
C ILE E 16 11.65 18.30 22.48
N ASP E 17 12.91 18.75 22.46
CA ASP E 17 13.69 18.98 23.67
C ASP E 17 14.22 20.41 23.71
N THR E 18 13.99 21.08 24.84
CA THR E 18 14.55 22.41 25.09
C THR E 18 15.21 22.41 26.47
N PRO E 19 15.99 23.46 26.80
CA PRO E 19 16.50 23.62 28.16
C PRO E 19 15.40 23.63 29.23
N GLU E 20 14.20 24.07 28.84
CA GLU E 20 13.07 24.19 29.77
C GLU E 20 12.28 22.89 29.98
N GLY E 21 12.41 21.95 29.04
CA GLY E 21 11.69 20.68 29.13
C GLY E 21 11.41 20.03 27.78
N LYS E 22 10.47 19.09 27.78
CA LYS E 22 10.14 18.29 26.59
C LYS E 22 8.67 18.39 26.19
N GLY E 23 8.41 18.10 24.91
CA GLY E 23 7.05 18.08 24.38
C GLY E 23 6.94 17.18 23.17
N THR E 24 5.71 17.01 22.69
CA THR E 24 5.44 16.21 21.50
C THR E 24 5.40 17.13 20.28
N GLY E 25 6.01 16.67 19.20
CA GLY E 25 5.87 17.33 17.91
C GLY E 25 5.30 16.36 16.89
N PHE E 26 4.84 16.88 15.76
CA PHE E 26 4.40 16.01 14.67
C PHE E 26 4.77 16.57 13.28
N PHE E 27 5.01 15.66 12.34
CA PHE E 27 5.41 16.06 11.00
C PHE E 27 4.20 16.37 10.12
N SER E 28 4.24 17.51 9.48
CA SER E 28 3.21 17.91 8.53
C SER E 28 3.84 18.79 7.47
N GLY E 29 3.73 18.37 6.21
CA GLY E 29 4.45 19.02 5.12
C GLY E 29 5.95 18.93 5.31
N ASN E 30 6.60 20.08 5.21
CA ASN E 30 8.04 20.19 5.45
C ASN E 30 8.36 20.62 6.89
N ASP E 31 7.32 20.70 7.72
CA ASP E 31 7.46 21.21 9.09
C ASP E 31 7.31 20.16 10.17
N ILE E 32 7.76 20.52 11.37
CA ILE E 32 7.38 19.85 12.61
C ILE E 32 6.52 20.83 13.38
N VAL E 33 5.34 20.38 13.81
CA VAL E 33 4.36 21.23 14.48
C VAL E 33 4.28 20.86 15.95
N THR E 34 4.14 21.88 16.80
CA THR E 34 3.98 21.67 18.24
C THR E 34 3.28 22.88 18.88
N ALA E 35 3.03 22.81 20.19
CA ALA E 35 2.46 23.93 20.93
C ALA E 35 3.51 25.02 21.13
N ALA E 36 3.08 26.28 21.08
CA ALA E 36 4.00 27.42 21.17
C ALA E 36 4.85 27.38 22.43
N HIS E 37 4.27 26.92 23.54
CA HIS E 37 4.96 26.94 24.83
C HIS E 37 6.02 25.84 24.97
N VAL E 38 5.93 24.81 24.13
CA VAL E 38 6.97 23.79 24.06
C VAL E 38 8.27 24.43 23.56
N VAL E 39 8.12 25.36 22.62
CA VAL E 39 9.24 26.05 22.00
C VAL E 39 9.68 27.28 22.81
N GLY E 40 8.70 28.06 23.27
CA GLY E 40 8.98 29.28 24.02
C GLY E 40 9.67 30.33 23.18
N ASN E 41 10.78 30.87 23.71
CA ASN E 41 11.56 31.91 23.04
C ASN E 41 12.76 31.37 22.26
N ASN E 42 12.97 30.05 22.34
CA ASN E 42 14.05 29.37 21.64
C ASN E 42 13.96 29.51 20.12
N THR E 43 15.10 29.74 19.47
CA THR E 43 15.14 29.82 18.00
C THR E 43 15.58 28.48 17.41
N PHE E 44 16.27 27.68 18.22
CA PHE E 44 16.67 26.32 17.86
C PHE E 44 16.22 25.36 18.95
N VAL E 45 15.67 24.23 18.53
CA VAL E 45 15.24 23.18 19.45
C VAL E 45 15.89 21.84 19.08
N ASN E 46 15.93 20.91 20.03
CA ASN E 46 16.37 19.54 19.74
C ASN E 46 15.20 18.63 19.40
N VAL E 47 15.36 17.83 18.35
CA VAL E 47 14.29 16.94 17.90
C VAL E 47 14.78 15.49 17.96
N CYS E 48 13.98 14.64 18.59
CA CYS E 48 14.31 13.23 18.66
C CYS E 48 13.34 12.37 17.85
N TYR E 49 13.90 11.51 17.00
CA TYR E 49 13.10 10.63 16.14
C TYR E 49 13.88 9.36 15.86
N GLU E 50 13.22 8.22 16.11
CA GLU E 50 13.78 6.88 15.93
C GLU E 50 15.19 6.73 16.54
N GLY E 51 15.42 7.43 17.65
CA GLY E 51 16.67 7.29 18.41
C GLY E 51 17.82 8.22 18.05
N LEU E 52 17.63 9.09 17.07
CA LEU E 52 18.65 10.07 16.68
C LEU E 52 18.21 11.50 17.01
N MET E 53 19.12 12.27 17.61
CA MET E 53 18.86 13.66 17.96
C MET E 53 19.28 14.63 16.86
N TYR E 54 18.44 15.64 16.62
CA TYR E 54 18.69 16.65 15.59
C TYR E 54 18.55 18.04 16.19
N GLU E 55 19.30 19.00 15.65
CA GLU E 55 19.05 20.41 15.93
C GLU E 55 18.17 20.98 14.81
N ALA E 56 17.07 21.61 15.21
CA ALA E 56 16.10 22.14 14.26
C ALA E 56 15.77 23.60 14.54
N LYS E 57 15.64 24.39 13.48
CA LYS E 57 15.37 25.81 13.59
C LYS E 57 13.88 26.11 13.52
N VAL E 58 13.39 26.86 14.52
CA VAL E 58 12.02 27.38 14.53
C VAL E 58 11.82 28.29 13.32
N ARG E 59 10.72 28.08 12.61
CA ARG E 59 10.45 28.79 11.36
C ARG E 59 9.50 29.98 11.57
N TYR E 60 8.29 29.69 12.05
CA TYR E 60 7.24 30.68 12.14
C TYR E 60 6.42 30.53 13.42
N MET E 61 6.20 31.65 14.10
CA MET E 61 5.37 31.72 15.29
C MET E 61 4.17 32.63 15.01
N PRO E 62 3.02 32.04 14.65
CA PRO E 62 1.80 32.81 14.42
C PRO E 62 1.19 33.31 15.74
N GLU E 63 0.07 34.03 15.63
CA GLU E 63 -0.65 34.54 16.80
C GLU E 63 -1.23 33.40 17.65
N LYS E 64 -1.76 32.37 16.99
CA LYS E 64 -2.19 31.12 17.64
C LYS E 64 -1.05 30.50 18.44
N ASP E 65 -1.41 29.74 19.48
CA ASP E 65 -0.40 29.08 20.32
C ASP E 65 0.20 27.81 19.68
N ILE E 66 0.60 27.93 18.42
CA ILE E 66 1.16 26.83 17.64
C ILE E 66 2.55 27.25 17.13
N ALA E 67 3.49 26.31 17.15
CA ALA E 67 4.86 26.56 16.66
C ALA E 67 5.22 25.70 15.45
N PHE E 68 5.81 26.34 14.45
CA PHE E 68 6.26 25.65 13.23
C PHE E 68 7.77 25.61 13.14
N ILE E 69 8.31 24.39 13.15
CA ILE E 69 9.75 24.14 13.11
C ILE E 69 10.10 23.53 11.73
N THR E 70 11.19 24.00 11.14
CA THR E 70 11.67 23.44 9.89
C THR E 70 12.25 22.06 10.14
N CYS E 71 11.70 21.06 9.46
CA CYS E 71 12.19 19.71 9.58
C CYS E 71 13.62 19.65 9.06
N PRO E 72 14.57 19.14 9.87
CA PRO E 72 15.95 18.94 9.42
C PRO E 72 15.98 18.20 8.09
N GLY E 73 16.87 18.62 7.19
CA GLY E 73 16.99 18.00 5.87
C GLY E 73 17.35 16.53 5.89
N ASP E 74 18.09 16.11 6.91
CA ASP E 74 18.51 14.71 7.04
C ASP E 74 17.53 13.85 7.83
N LEU E 75 16.47 14.48 8.34
CA LEU E 75 15.43 13.77 9.08
C LEU E 75 14.29 13.41 8.13
N HIS E 76 14.17 12.12 7.82
CA HIS E 76 13.18 11.65 6.85
C HIS E 76 12.11 10.81 7.56
N PRO E 77 10.97 11.43 7.93
CA PRO E 77 9.97 10.72 8.72
C PRO E 77 9.23 9.67 7.88
N THR E 78 8.79 8.59 8.52
CA THR E 78 8.08 7.52 7.83
C THR E 78 6.62 7.87 7.60
N ALA E 79 6.13 8.88 8.32
CA ALA E 79 4.75 9.33 8.16
C ALA E 79 4.63 10.83 8.43
N ARG E 80 3.64 11.44 7.79
CA ARG E 80 3.30 12.85 7.97
C ARG E 80 1.79 12.95 8.11
N LEU E 81 1.32 13.97 8.82
CA LEU E 81 -0.10 14.18 9.00
C LEU E 81 -0.63 15.27 8.07
N LYS E 82 -1.79 14.99 7.49
CA LYS E 82 -2.48 15.96 6.63
C LYS E 82 -3.64 16.61 7.38
N LEU E 83 -3.99 17.82 6.99
CA LEU E 83 -5.13 18.53 7.55
C LEU E 83 -6.42 18.09 6.86
N SER E 84 -7.54 18.20 7.56
CA SER E 84 -8.82 17.78 6.99
C SER E 84 -9.46 18.86 6.12
N LYS E 85 -10.12 18.43 5.05
CA LYS E 85 -10.80 19.33 4.14
C LYS E 85 -12.11 19.84 4.77
N ASN E 86 -12.98 18.90 5.16
CA ASN E 86 -14.23 19.22 5.84
C ASN E 86 -14.21 18.63 7.25
N PRO E 87 -13.64 19.38 8.22
CA PRO E 87 -13.35 18.86 9.56
C PRO E 87 -14.57 18.47 10.37
N ASP E 88 -14.61 17.22 10.81
CA ASP E 88 -15.62 16.77 11.76
C ASP E 88 -14.99 16.72 13.15
N TYR E 89 -15.39 17.68 13.99
CA TYR E 89 -14.80 17.85 15.32
C TYR E 89 -15.41 16.99 16.42
N SER E 90 -16.45 16.23 16.10
CA SER E 90 -17.22 15.49 17.10
C SER E 90 -16.46 14.35 17.78
N CYS E 91 -15.55 13.71 17.05
CA CYS E 91 -14.67 12.75 17.73
C CYS E 91 -13.22 12.78 17.23
N VAL E 92 -12.30 12.43 18.13
CA VAL E 92 -10.88 12.65 17.89
C VAL E 92 -10.04 11.45 18.29
N THR E 93 -8.81 11.43 17.77
CA THR E 93 -7.76 10.51 18.20
C THR E 93 -6.58 11.39 18.62
N VAL E 94 -6.14 11.23 19.87
CA VAL E 94 -4.99 11.97 20.39
C VAL E 94 -3.78 11.04 20.46
N MET E 95 -2.67 11.46 19.84
CA MET E 95 -1.42 10.69 19.86
C MET E 95 -0.31 11.51 20.49
N ALA E 96 0.35 10.95 21.48
CA ALA E 96 1.43 11.66 22.17
C ALA E 96 2.51 10.74 22.71
N TYR E 97 3.68 11.32 22.98
CA TYR E 97 4.67 10.67 23.82
C TYR E 97 4.55 11.17 25.25
N VAL E 98 4.36 10.24 26.18
CA VAL E 98 4.37 10.54 27.61
C VAL E 98 5.57 9.81 28.21
N ASN E 99 6.57 10.59 28.65
CA ASN E 99 7.87 10.06 29.05
C ASN E 99 8.47 9.23 27.90
N GLU E 100 8.71 7.94 28.12
CA GLU E 100 9.31 7.10 27.09
C GLU E 100 8.28 6.50 26.13
N ASP E 101 7.00 6.61 26.46
CA ASP E 101 5.98 5.78 25.84
C ASP E 101 4.95 6.49 24.98
N LEU E 102 4.51 5.78 23.93
CA LEU E 102 3.42 6.24 23.10
C LEU E 102 2.10 6.03 23.84
N VAL E 103 1.23 7.04 23.78
CA VAL E 103 -0.12 6.93 24.32
C VAL E 103 -1.10 7.42 23.27
N VAL E 104 -2.01 6.55 22.88
CA VAL E 104 -3.07 6.87 21.93
C VAL E 104 -4.43 6.61 22.56
N SER E 105 -5.31 7.60 22.47
CA SER E 105 -6.67 7.46 22.98
C SER E 105 -7.66 8.21 22.12
N THR E 106 -8.89 7.69 22.06
CA THR E 106 -9.98 8.37 21.40
C THR E 106 -10.83 9.13 22.43
N ALA E 107 -11.60 10.11 21.96
CA ALA E 107 -12.57 10.83 22.76
C ALA E 107 -13.62 11.52 21.89
N ALA E 108 -14.76 11.83 22.48
CA ALA E 108 -15.71 12.77 21.89
C ALA E 108 -15.24 14.17 22.24
N ALA E 109 -15.36 15.10 21.30
CA ALA E 109 -14.86 16.46 21.50
C ALA E 109 -15.93 17.54 21.26
N MET E 110 -15.71 18.72 21.84
CA MET E 110 -16.58 19.89 21.66
C MET E 110 -15.79 20.98 20.95
N VAL E 111 -16.37 21.66 20.00
CA VAL E 111 -15.58 22.49 19.13
C VAL E 111 -15.24 23.82 19.74
N TYR E 112 -16.24 24.60 20.07
CA TYR E 112 -16.00 25.98 20.46
C TYR E 112 -15.08 26.94 19.74
N GLY E 113 -15.26 27.35 18.46
CA GLY E 113 -14.47 28.54 18.12
C GLY E 113 -13.07 28.15 17.65
N ASN E 114 -12.05 28.61 18.36
CA ASN E 114 -10.65 28.26 18.08
C ASN E 114 -10.07 27.18 18.99
N THR E 115 -10.87 26.70 19.93
CA THR E 115 -10.41 25.75 20.95
C THR E 115 -11.18 24.45 20.83
N LEU E 116 -10.58 23.36 21.28
CA LEU E 116 -11.21 22.04 21.24
C LEU E 116 -11.08 21.36 22.59
N SER E 117 -12.16 20.77 23.10
CA SER E 117 -12.16 20.10 24.39
C SER E 117 -12.54 18.63 24.33
N TYR E 118 -11.81 17.81 25.08
CA TYR E 118 -11.96 16.35 25.02
C TYR E 118 -11.40 15.73 26.30
N ALA E 119 -11.76 14.48 26.57
CA ALA E 119 -11.13 13.69 27.63
C ALA E 119 -9.75 13.18 27.19
N VAL E 120 -8.80 13.17 28.12
CA VAL E 120 -7.48 12.57 27.89
C VAL E 120 -7.27 11.42 28.88
N ARG E 121 -6.38 10.49 28.53
CA ARG E 121 -6.16 9.28 29.35
C ARG E 121 -5.03 9.40 30.38
N THR E 122 -4.26 10.49 30.30
CA THR E 122 -3.22 10.78 31.30
C THR E 122 -3.23 12.27 31.67
N GLN E 123 -2.73 12.58 32.86
CA GLN E 123 -2.63 13.96 33.35
C GLN E 123 -1.26 14.56 33.00
N ASP E 124 -0.40 13.74 32.39
CA ASP E 124 0.98 14.11 32.09
C ASP E 124 1.14 15.07 30.90
N GLY E 125 2.39 15.36 30.56
CA GLY E 125 2.75 16.26 29.47
C GLY E 125 2.43 15.69 28.09
N MET E 126 1.39 16.24 27.49
CA MET E 126 0.99 15.89 26.13
C MET E 126 1.12 17.10 25.20
N SER E 127 1.78 18.14 25.71
CA SER E 127 1.88 19.41 25.00
C SER E 127 2.42 19.26 23.57
N GLY E 128 1.63 19.72 22.61
CA GLY E 128 2.02 19.75 21.20
C GLY E 128 1.54 18.55 20.39
N ALA E 129 0.88 17.61 21.07
CA ALA E 129 0.37 16.40 20.46
C ALA E 129 -0.71 16.69 19.41
N PRO E 130 -0.65 15.96 18.28
CA PRO E 130 -1.70 16.18 17.28
C PRO E 130 -3.04 15.66 17.74
N VAL E 131 -4.09 16.45 17.51
CA VAL E 131 -5.44 15.98 17.74
C VAL E 131 -6.06 15.73 16.36
N CYS E 132 -6.33 14.46 16.07
CA CYS E 132 -6.75 14.04 14.72
C CYS E 132 -8.25 13.73 14.65
N ASP E 133 -8.82 13.80 13.44
CA ASP E 133 -10.20 13.32 13.26
C ASP E 133 -10.24 11.80 13.20
N LYS E 134 -11.43 11.24 13.07
CA LYS E 134 -11.62 9.78 12.98
C LYS E 134 -10.90 9.12 11.79
N TYR E 135 -10.42 9.93 10.86
CA TYR E 135 -9.66 9.44 9.71
C TYR E 135 -8.16 9.74 9.76
N CYS E 136 -7.68 10.21 10.91
CA CYS E 136 -6.25 10.45 11.11
C CYS E 136 -5.68 11.73 10.55
N ARG E 137 -6.57 12.64 10.13
CA ARG E 137 -6.17 13.99 9.71
C ARG E 137 -6.13 14.93 10.90
N VAL E 138 -5.06 15.74 11.01
CA VAL E 138 -4.89 16.66 12.14
C VAL E 138 -5.96 17.74 12.14
N LEU E 139 -6.67 17.86 13.26
CA LEU E 139 -7.62 18.93 13.51
C LEU E 139 -7.05 20.04 14.39
N ALA E 140 -6.23 19.65 15.37
CA ALA E 140 -5.78 20.59 16.40
C ALA E 140 -4.43 20.21 17.00
N VAL E 141 -3.88 21.13 17.79
CA VAL E 141 -2.62 20.92 18.51
C VAL E 141 -2.89 20.97 20.02
N HIS E 142 -2.71 19.85 20.71
CA HIS E 142 -2.93 19.79 22.14
C HIS E 142 -2.14 20.82 22.94
N GLN E 143 -2.80 21.46 23.89
CA GLN E 143 -2.22 22.56 24.65
C GLN E 143 -2.00 22.20 26.11
N THR E 144 -3.09 21.92 26.82
CA THR E 144 -3.04 21.73 28.26
C THR E 144 -4.11 20.79 28.77
N ASN E 145 -3.95 20.35 30.02
CA ASN E 145 -4.95 19.52 30.69
C ASN E 145 -5.37 20.12 32.02
N THR E 146 -6.67 20.06 32.30
CA THR E 146 -7.20 20.42 33.61
C THR E 146 -7.91 19.19 34.17
N GLY E 147 -7.17 18.38 34.92
CA GLY E 147 -7.61 17.05 35.31
C GLY E 147 -7.46 16.13 34.11
N TYR E 148 -8.51 15.35 33.85
CA TYR E 148 -8.55 14.50 32.65
C TYR E 148 -9.36 15.16 31.52
N THR E 149 -9.25 16.49 31.42
CA THR E 149 -9.88 17.24 30.35
C THR E 149 -8.81 18.02 29.59
N GLY E 150 -8.65 17.68 28.31
CA GLY E 150 -7.66 18.32 27.46
C GLY E 150 -8.24 19.50 26.69
N GLY E 151 -7.36 20.39 26.29
CA GLY E 151 -7.74 21.53 25.45
C GLY E 151 -6.75 21.68 24.31
N ALA E 152 -7.25 22.00 23.13
CA ALA E 152 -6.40 22.17 21.96
C ALA E 152 -6.74 23.42 21.16
N VAL E 153 -5.74 23.92 20.43
CA VAL E 153 -5.95 25.01 19.48
C VAL E 153 -6.10 24.40 18.07
N ILE E 154 -7.24 24.65 17.43
CA ILE E 154 -7.52 24.17 16.08
C ILE E 154 -6.47 24.70 15.08
N ILE E 155 -5.99 23.81 14.22
CA ILE E 155 -5.03 24.18 13.18
C ILE E 155 -5.69 24.30 11.80
N ASP E 156 -5.21 25.29 11.04
CA ASP E 156 -5.78 25.66 9.74
C ASP E 156 -4.62 25.80 8.75
N PRO E 157 -4.83 25.45 7.45
CA PRO E 157 -3.75 25.64 6.48
C PRO E 157 -3.14 27.06 6.44
N THR E 158 -3.95 28.06 6.77
CA THR E 158 -3.49 29.45 6.77
C THR E 158 -2.56 29.78 7.95
N ASP E 159 -2.50 28.87 8.93
CA ASP E 159 -1.64 29.06 10.10
C ASP E 159 -0.16 28.80 9.80
N PHE E 160 0.10 28.08 8.70
CA PHE E 160 1.46 27.70 8.32
C PHE E 160 2.34 28.89 7.88
N HIS E 161 1.72 29.93 7.33
CA HIS E 161 2.45 31.08 6.80
C HIS E 161 1.77 32.42 7.11
N PRO E 162 2.56 33.50 7.21
CA PRO E 162 2.01 34.86 7.29
C PRO E 162 1.72 35.43 5.90
N LYS F 1 15.28 8.13 24.96
CA LYS F 1 15.08 6.65 25.02
C LYS F 1 13.61 6.24 24.81
N HIS F 2 12.96 6.86 23.84
CA HIS F 2 11.54 6.62 23.58
C HIS F 2 11.29 5.33 22.81
N HIS F 3 10.10 4.76 23.04
CA HIS F 3 9.64 3.58 22.30
C HIS F 3 8.91 4.00 21.02
N HIS F 4 9.55 3.74 19.88
CA HIS F 4 8.98 4.07 18.58
C HIS F 4 8.60 2.78 17.86
N HIS F 5 7.35 2.34 18.06
CA HIS F 5 6.90 1.04 17.59
C HIS F 5 6.15 1.16 16.24
N HIS F 6 5.92 0.03 15.59
CA HIS F 6 5.41 0.05 14.20
C HIS F 6 4.29 -0.95 13.93
N HIS F 7 3.59 -0.73 12.81
CA HIS F 7 2.52 -1.61 12.34
C HIS F 7 1.42 -1.86 13.38
N ILE F 8 0.93 -0.76 13.94
CA ILE F 8 -0.16 -0.76 14.91
C ILE F 8 -1.47 -0.76 14.14
N LYS F 9 -2.26 -1.80 14.36
CA LYS F 9 -3.48 -2.06 13.58
C LYS F 9 -4.75 -2.16 14.44
N PRO F 10 -5.35 -1.00 14.80
CA PRO F 10 -6.56 -0.96 15.61
C PRO F 10 -7.77 -1.56 14.90
N GLY F 11 -7.69 -1.64 13.56
CA GLY F 11 -8.73 -2.30 12.76
C GLY F 11 -8.81 -3.80 12.98
N ALA F 12 -7.80 -4.37 13.62
CA ALA F 12 -7.80 -5.79 13.97
C ALA F 12 -8.46 -6.08 15.33
N LEU F 13 -9.01 -5.04 15.96
CA LEU F 13 -9.70 -5.21 17.24
C LEU F 13 -11.21 -5.32 17.09
N CYS F 14 -11.83 -6.08 17.99
CA CYS F 14 -13.28 -6.11 18.14
C CYS F 14 -13.65 -6.17 19.62
N VAL F 15 -14.97 -6.11 19.90
CA VAL F 15 -15.46 -6.28 21.27
C VAL F 15 -16.26 -7.56 21.38
N ILE F 16 -15.98 -8.32 22.44
CA ILE F 16 -16.69 -9.55 22.73
C ILE F 16 -17.73 -9.26 23.82
N ASP F 17 -18.98 -9.65 23.55
CA ASP F 17 -20.10 -9.41 24.46
C ASP F 17 -20.70 -10.73 24.90
N THR F 18 -20.81 -10.91 26.22
CA THR F 18 -21.41 -12.09 26.82
C THR F 18 -22.35 -11.65 27.96
N PRO F 19 -23.26 -12.55 28.41
CA PRO F 19 -24.12 -12.24 29.56
C PRO F 19 -23.33 -11.81 30.80
N GLU F 20 -22.12 -12.36 30.96
CA GLU F 20 -21.27 -12.09 32.11
C GLU F 20 -20.50 -10.76 32.01
N GLY F 21 -20.36 -10.25 30.78
CA GLY F 21 -19.68 -8.98 30.55
C GLY F 21 -19.01 -8.86 29.19
N LYS F 22 -18.09 -7.90 29.07
CA LYS F 22 -17.43 -7.60 27.81
C LYS F 22 -15.92 -7.77 27.87
N GLY F 23 -15.30 -7.94 26.70
CA GLY F 23 -13.84 -7.98 26.57
C GLY F 23 -13.38 -7.46 25.23
N THR F 24 -12.06 -7.49 25.04
CA THR F 24 -11.47 -7.17 23.73
C THR F 24 -11.14 -8.48 23.02
N GLY F 25 -11.35 -8.49 21.70
CA GLY F 25 -10.94 -9.61 20.86
C GLY F 25 -10.05 -9.09 19.74
N PHE F 26 -9.32 -10.00 19.09
CA PHE F 26 -8.52 -9.61 17.93
C PHE F 26 -8.52 -10.65 16.81
N PHE F 27 -8.56 -10.17 15.57
CA PHE F 27 -8.55 -11.06 14.41
C PHE F 27 -7.15 -11.58 14.10
N SER F 28 -7.05 -12.90 13.94
CA SER F 28 -5.83 -13.57 13.54
C SER F 28 -6.23 -14.81 12.75
N GLY F 29 -5.75 -14.92 11.52
CA GLY F 29 -6.17 -16.00 10.63
C GLY F 29 -7.68 -15.94 10.39
N ASN F 30 -8.34 -17.08 10.58
CA ASN F 30 -9.80 -17.16 10.47
C ASN F 30 -10.49 -17.07 11.85
N ASP F 31 -9.71 -16.69 12.87
CA ASP F 31 -10.19 -16.68 14.25
C ASP F 31 -10.36 -15.28 14.84
N ILE F 32 -11.15 -15.21 15.91
CA ILE F 32 -11.12 -14.11 16.85
C ILE F 32 -10.53 -14.68 18.14
N VAL F 33 -9.45 -14.07 18.61
CA VAL F 33 -8.73 -14.53 19.79
C VAL F 33 -9.01 -13.58 20.96
N THR F 34 -9.19 -14.15 22.15
CA THR F 34 -9.42 -13.39 23.38
C THR F 34 -8.92 -14.19 24.59
N ALA F 35 -9.11 -13.63 25.79
CA ALA F 35 -8.80 -14.32 27.03
C ALA F 35 -9.89 -15.36 27.35
N ALA F 36 -9.50 -16.49 27.92
CA ALA F 36 -10.44 -17.57 28.21
C ALA F 36 -11.63 -17.13 29.07
N HIS F 37 -11.37 -16.27 30.06
CA HIS F 37 -12.41 -15.86 31.01
C HIS F 37 -13.42 -14.88 30.41
N VAL F 38 -13.06 -14.23 29.30
CA VAL F 38 -13.99 -13.40 28.54
C VAL F 38 -15.12 -14.27 28.01
N VAL F 39 -14.76 -15.46 27.54
CA VAL F 39 -15.69 -16.41 26.94
C VAL F 39 -16.37 -17.28 28.00
N GLY F 40 -15.58 -17.77 28.96
CA GLY F 40 -16.08 -18.62 30.04
C GLY F 40 -16.61 -19.96 29.55
N ASN F 41 -17.83 -20.27 29.94
CA ASN F 41 -18.49 -21.53 29.56
C ASN F 41 -19.43 -21.37 28.36
N ASN F 42 -19.42 -20.20 27.74
CA ASN F 42 -20.29 -19.92 26.60
C ASN F 42 -19.88 -20.67 25.34
N THR F 43 -20.86 -21.17 24.60
CA THR F 43 -20.61 -21.82 23.31
C THR F 43 -20.72 -20.78 22.20
N PHE F 44 -21.55 -19.78 22.42
CA PHE F 44 -21.75 -18.66 21.50
C PHE F 44 -21.54 -17.34 22.22
N VAL F 45 -20.82 -16.42 21.56
CA VAL F 45 -20.62 -15.08 22.08
C VAL F 45 -21.07 -14.06 21.03
N ASN F 46 -21.24 -12.82 21.47
CA ASN F 46 -21.51 -11.73 20.54
C ASN F 46 -20.25 -10.96 20.24
N VAL F 47 -20.13 -10.51 19.00
CA VAL F 47 -18.98 -9.77 18.53
C VAL F 47 -19.44 -8.44 17.95
N CYS F 48 -18.79 -7.38 18.38
CA CYS F 48 -19.08 -6.04 17.88
C CYS F 48 -17.91 -5.54 17.04
N TYR F 49 -18.21 -5.14 15.81
CA TYR F 49 -17.19 -4.60 14.90
C TYR F 49 -17.78 -3.55 13.98
N GLU F 50 -17.15 -2.37 13.98
CA GLU F 50 -17.58 -1.22 13.18
C GLU F 50 -19.09 -0.93 13.28
N GLY F 51 -19.62 -1.07 14.49
CA GLY F 51 -21.01 -0.74 14.78
C GLY F 51 -22.04 -1.85 14.58
N LEU F 52 -21.57 -3.03 14.18
CA LEU F 52 -22.47 -4.15 13.91
C LEU F 52 -22.19 -5.34 14.82
N MET F 53 -23.24 -5.90 15.41
CA MET F 53 -23.12 -7.06 16.29
C MET F 53 -23.39 -8.36 15.54
N TYR F 54 -22.51 -9.34 15.76
CA TYR F 54 -22.61 -10.66 15.15
C TYR F 54 -22.65 -11.71 16.25
N GLU F 55 -23.28 -12.85 15.94
CA GLU F 55 -23.16 -14.03 16.79
C GLU F 55 -22.02 -14.91 16.27
N ALA F 56 -21.14 -15.33 17.17
CA ALA F 56 -19.98 -16.14 16.80
C ALA F 56 -19.87 -17.38 17.68
N LYS F 57 -19.29 -18.45 17.13
CA LYS F 57 -19.16 -19.71 17.86
C LYS F 57 -17.73 -19.96 18.33
N VAL F 58 -17.61 -20.35 19.61
CA VAL F 58 -16.30 -20.68 20.20
C VAL F 58 -15.74 -21.92 19.52
N ARG F 59 -14.54 -21.81 18.97
CA ARG F 59 -13.90 -22.91 18.26
C ARG F 59 -13.13 -23.85 19.19
N TYR F 60 -12.23 -23.29 19.99
CA TYR F 60 -11.25 -24.10 20.73
C TYR F 60 -10.77 -23.44 22.02
N MET F 61 -10.80 -24.20 23.11
CA MET F 61 -10.34 -23.76 24.42
C MET F 61 -9.18 -24.62 24.90
N PRO F 62 -7.93 -24.18 24.62
CA PRO F 62 -6.75 -24.90 25.10
C PRO F 62 -6.55 -24.76 26.62
N GLU F 63 -5.54 -25.44 27.15
CA GLU F 63 -5.24 -25.40 28.57
C GLU F 63 -4.82 -23.99 29.00
N LYS F 64 -4.08 -23.30 28.13
CA LYS F 64 -3.76 -21.88 28.33
C LYS F 64 -5.02 -21.04 28.45
N ASP F 65 -4.91 -19.92 29.17
CA ASP F 65 -6.04 -19.03 29.40
C ASP F 65 -6.34 -18.14 28.18
N ILE F 66 -6.49 -18.79 27.03
CA ILE F 66 -6.77 -18.14 25.75
C ILE F 66 -7.98 -18.83 25.10
N ALA F 67 -8.78 -18.05 24.36
CA ALA F 67 -9.96 -18.58 23.67
C ALA F 67 -9.94 -18.29 22.17
N PHE F 68 -10.32 -19.29 21.38
CA PHE F 68 -10.41 -19.14 19.92
C PHE F 68 -11.86 -19.19 19.45
N ILE F 69 -12.28 -18.13 18.78
CA ILE F 69 -13.64 -17.99 18.25
C ILE F 69 -13.56 -17.95 16.73
N THR F 70 -14.42 -18.73 16.06
CA THR F 70 -14.51 -18.68 14.61
C THR F 70 -15.10 -17.35 14.18
N CYS F 71 -14.37 -16.63 13.32
CA CYS F 71 -14.86 -15.35 12.80
C CYS F 71 -16.13 -15.59 11.99
N PRO F 72 -17.21 -14.85 12.29
CA PRO F 72 -18.44 -14.92 11.49
C PRO F 72 -18.14 -14.73 10.01
N GLY F 73 -18.81 -15.52 9.15
CA GLY F 73 -18.56 -15.51 7.71
C GLY F 73 -18.83 -14.17 7.06
N ASP F 74 -19.76 -13.41 7.63
CA ASP F 74 -20.15 -12.10 7.11
C ASP F 74 -19.39 -10.92 7.76
N LEU F 75 -18.52 -11.23 8.72
CA LEU F 75 -17.63 -10.23 9.32
C LEU F 75 -16.28 -10.23 8.60
N HIS F 76 -16.01 -9.15 7.85
CA HIS F 76 -14.81 -9.03 7.04
C HIS F 76 -13.90 -7.94 7.61
N PRO F 77 -12.97 -8.32 8.52
CA PRO F 77 -12.16 -7.29 9.19
C PRO F 77 -11.15 -6.66 8.24
N THR F 78 -10.85 -5.39 8.45
CA THR F 78 -9.90 -4.66 7.60
C THR F 78 -8.44 -4.95 7.92
N ALA F 79 -8.20 -5.52 9.09
CA ALA F 79 -6.85 -5.90 9.49
C ALA F 79 -6.84 -7.16 10.35
N ARG F 80 -5.76 -7.92 10.26
CA ARG F 80 -5.55 -9.09 11.09
C ARG F 80 -4.14 -9.04 11.65
N LEU F 81 -3.94 -9.72 12.78
CA LEU F 81 -2.63 -9.78 13.41
C LEU F 81 -1.96 -11.12 13.17
N LYS F 82 -0.64 -11.07 12.97
CA LYS F 82 0.17 -12.27 12.83
C LYS F 82 1.07 -12.42 14.04
N LEU F 83 1.49 -13.66 14.31
CA LEU F 83 2.43 -13.91 15.41
C LEU F 83 3.86 -13.63 14.98
N SER F 84 4.75 -13.48 15.94
CA SER F 84 6.15 -13.15 15.65
C SER F 84 7.01 -14.40 15.51
N LYS F 85 7.98 -14.32 14.60
CA LYS F 85 8.91 -15.42 14.34
C LYS F 85 10.16 -15.32 15.23
N ASN F 86 10.61 -14.10 15.48
CA ASN F 86 11.76 -13.83 16.35
C ASN F 86 11.35 -12.89 17.48
N PRO F 87 10.62 -13.41 18.49
CA PRO F 87 9.94 -12.58 19.49
C PRO F 87 10.88 -11.80 20.41
N ASP F 88 10.79 -10.47 20.38
CA ASP F 88 11.46 -9.62 21.36
C ASP F 88 10.47 -9.17 22.42
N TYR F 89 10.61 -9.74 23.62
CA TYR F 89 9.72 -9.45 24.74
C TYR F 89 10.15 -8.25 25.59
N SER F 90 11.23 -7.57 25.17
CA SER F 90 11.76 -6.40 25.88
C SER F 90 10.77 -5.24 25.98
N CYS F 91 10.01 -5.01 24.90
CA CYS F 91 9.01 -3.95 24.88
C CYS F 91 7.78 -4.35 24.04
N VAL F 92 6.64 -3.72 24.33
CA VAL F 92 5.36 -4.12 23.73
C VAL F 92 4.52 -2.93 23.28
N THR F 93 3.53 -3.22 22.45
CA THR F 93 2.44 -2.31 22.16
C THR F 93 1.15 -3.02 22.57
N VAL F 94 0.34 -2.37 23.42
CA VAL F 94 -0.95 -2.92 23.84
C VAL F 94 -2.08 -2.12 23.21
N MET F 95 -3.02 -2.82 22.56
CA MET F 95 -4.15 -2.19 21.89
C MET F 95 -5.43 -2.75 22.47
N ALA F 96 -6.34 -1.89 22.92
CA ALA F 96 -7.59 -2.37 23.51
C ALA F 96 -8.78 -1.43 23.31
N TYR F 97 -9.98 -1.99 23.44
CA TYR F 97 -11.16 -1.16 23.67
C TYR F 97 -11.43 -1.11 25.17
N VAL F 98 -11.50 0.11 25.70
CA VAL F 98 -11.77 0.33 27.11
C VAL F 98 -13.05 1.16 27.17
N ASN F 99 -14.14 0.51 27.57
CA ASN F 99 -15.48 1.09 27.47
C ASN F 99 -15.72 1.50 26.02
N GLU F 100 -15.94 2.80 25.77
CA GLU F 100 -16.20 3.28 24.42
C GLU F 100 -14.95 3.62 23.62
N ASP F 101 -13.80 3.68 24.28
CA ASP F 101 -12.59 4.24 23.67
C ASP F 101 -11.58 3.21 23.19
N LEU F 102 -10.82 3.58 22.16
CA LEU F 102 -9.63 2.83 21.79
C LEU F 102 -8.50 3.38 22.66
N VAL F 103 -7.70 2.48 23.22
CA VAL F 103 -6.49 2.91 23.94
C VAL F 103 -5.29 2.11 23.41
N VAL F 104 -4.25 2.83 23.01
CA VAL F 104 -3.02 2.21 22.54
C VAL F 104 -1.84 2.79 23.33
N SER F 105 -0.97 1.91 23.82
CA SER F 105 0.24 2.36 24.51
C SER F 105 1.40 1.38 24.38
N THR F 106 2.62 1.92 24.43
CA THR F 106 3.83 1.10 24.47
C THR F 106 4.33 0.97 25.91
N ALA F 107 5.07 -0.10 26.19
CA ALA F 107 5.77 -0.25 27.48
C ALA F 107 6.88 -1.30 27.45
N ALA F 108 7.90 -1.08 28.28
CA ALA F 108 8.88 -2.13 28.58
C ALA F 108 8.14 -3.25 29.30
N ALA F 109 8.56 -4.49 29.04
CA ALA F 109 7.88 -5.67 29.59
C ALA F 109 8.85 -6.59 30.33
N MET F 110 8.27 -7.41 31.21
CA MET F 110 9.02 -8.29 32.10
C MET F 110 8.47 -9.71 31.97
N VAL F 111 9.35 -10.67 31.72
CA VAL F 111 8.95 -12.08 31.51
C VAL F 111 9.04 -12.90 32.80
N TYR F 112 7.99 -13.70 33.06
CA TYR F 112 8.00 -14.70 34.14
C TYR F 112 7.38 -15.98 33.60
N GLY F 113 8.22 -16.96 33.32
CA GLY F 113 7.80 -18.14 32.59
C GLY F 113 6.97 -17.80 31.37
N ASN F 114 5.73 -18.28 31.34
CA ASN F 114 4.87 -18.12 30.18
C ASN F 114 4.07 -16.83 30.22
N THR F 115 4.40 -15.96 31.18
CA THR F 115 3.62 -14.76 31.42
C THR F 115 4.44 -13.48 31.20
N LEU F 116 3.73 -12.39 30.92
CA LEU F 116 4.34 -11.10 30.63
C LEU F 116 3.73 -10.03 31.53
N SER F 117 4.56 -9.11 32.02
CA SER F 117 4.06 -7.96 32.79
C SER F 117 4.55 -6.67 32.20
N TYR F 118 3.71 -5.63 32.28
CA TYR F 118 3.94 -4.36 31.61
C TYR F 118 2.98 -3.32 32.18
N ALA F 119 3.34 -2.05 32.06
CA ALA F 119 2.46 -0.95 32.43
C ALA F 119 1.31 -0.78 31.42
N VAL F 120 0.13 -0.47 31.95
CA VAL F 120 -1.03 -0.12 31.13
C VAL F 120 -1.51 1.28 31.52
N ARG F 121 -2.31 1.90 30.66
CA ARG F 121 -2.69 3.30 30.81
C ARG F 121 -4.06 3.53 31.45
N THR F 122 -4.75 2.44 31.77
CA THR F 122 -6.05 2.51 32.42
C THR F 122 -6.14 1.41 33.46
N GLN F 123 -6.98 1.63 34.48
CA GLN F 123 -7.27 0.60 35.47
C GLN F 123 -8.52 -0.20 35.11
N ASP F 124 -9.21 0.22 34.05
CA ASP F 124 -10.41 -0.48 33.58
C ASP F 124 -10.05 -1.74 32.79
N GLY F 125 -11.02 -2.64 32.62
CA GLY F 125 -10.81 -3.93 31.97
C GLY F 125 -10.36 -3.87 30.52
N MET F 126 -9.35 -4.66 30.20
CA MET F 126 -8.77 -4.77 28.86
C MET F 126 -8.72 -6.23 28.45
N SER F 127 -9.42 -7.10 29.18
CA SER F 127 -9.27 -8.55 29.03
C SER F 127 -9.35 -9.00 27.58
N GLY F 128 -8.33 -9.75 27.14
CA GLY F 128 -8.28 -10.31 25.79
C GLY F 128 -7.47 -9.52 24.78
N ALA F 129 -7.10 -8.28 25.15
CA ALA F 129 -6.34 -7.41 24.25
C ALA F 129 -5.03 -8.03 23.77
N PRO F 130 -4.70 -7.83 22.48
CA PRO F 130 -3.42 -8.29 21.96
C PRO F 130 -2.26 -7.49 22.53
N VAL F 131 -1.22 -8.19 22.92
CA VAL F 131 0.03 -7.58 23.33
C VAL F 131 1.03 -7.85 22.21
N CYS F 132 1.43 -6.78 21.50
CA CYS F 132 2.26 -6.90 20.31
C CYS F 132 3.72 -6.51 20.53
N ASP F 133 4.62 -7.01 19.69
CA ASP F 133 6.01 -6.55 19.69
C ASP F 133 6.14 -5.18 19.02
N LYS F 134 7.38 -4.66 18.95
CA LYS F 134 7.67 -3.35 18.36
C LYS F 134 7.31 -3.28 16.87
N TYR F 135 7.05 -4.42 16.25
CA TYR F 135 6.70 -4.48 14.84
C TYR F 135 5.22 -4.83 14.59
N CYS F 136 4.47 -4.97 15.68
CA CYS F 136 3.02 -5.12 15.59
C CYS F 136 2.52 -6.55 15.44
N ARG F 137 3.43 -7.50 15.65
CA ARG F 137 3.09 -8.91 15.67
C ARG F 137 2.72 -9.30 17.10
N VAL F 138 1.72 -10.15 17.26
CA VAL F 138 1.20 -10.53 18.58
C VAL F 138 2.14 -11.49 19.32
N LEU F 139 2.47 -11.13 20.55
CA LEU F 139 3.31 -11.93 21.44
C LEU F 139 2.48 -12.66 22.49
N ALA F 140 1.42 -12.00 22.95
CA ALA F 140 0.68 -12.43 24.13
C ALA F 140 -0.76 -11.93 24.15
N VAL F 141 -1.59 -12.56 24.96
CA VAL F 141 -2.99 -12.15 25.16
C VAL F 141 -3.18 -11.58 26.58
N HIS F 142 -3.61 -10.35 26.68
CA HIS F 142 -3.83 -9.69 27.94
C HIS F 142 -4.87 -10.39 28.77
N GLN F 143 -4.56 -10.68 30.01
CA GLN F 143 -5.45 -11.41 30.91
C GLN F 143 -6.20 -10.47 31.85
N THR F 144 -5.44 -9.74 32.66
CA THR F 144 -6.02 -8.84 33.65
C THR F 144 -5.06 -7.70 33.98
N ASN F 145 -5.58 -6.70 34.64
CA ASN F 145 -4.78 -5.69 35.23
C ASN F 145 -4.95 -5.72 36.72
N THR F 146 -3.85 -5.50 37.42
CA THR F 146 -3.90 -5.02 38.80
C THR F 146 -3.36 -3.63 38.90
N GLY F 147 -4.23 -2.70 39.07
CA GLY F 147 -3.88 -1.29 38.98
C GLY F 147 -3.42 -0.95 37.58
N TYR F 148 -2.26 -0.33 37.47
CA TYR F 148 -1.69 0.02 36.16
C TYR F 148 -0.66 -0.98 35.67
N THR F 149 -0.68 -2.17 36.25
CA THR F 149 0.18 -3.28 35.83
C THR F 149 -0.68 -4.30 35.09
N GLY F 150 -0.35 -4.53 33.83
CA GLY F 150 -1.03 -5.54 33.03
C GLY F 150 -0.30 -6.86 33.06
N GLY F 151 -1.06 -7.94 32.93
CA GLY F 151 -0.49 -9.29 32.81
C GLY F 151 -1.07 -10.01 31.61
N ALA F 152 -0.20 -10.69 30.86
CA ALA F 152 -0.62 -11.43 29.66
C ALA F 152 0.01 -12.82 29.59
N VAL F 153 -0.67 -13.74 28.91
CA VAL F 153 -0.12 -15.07 28.64
C VAL F 153 0.45 -15.07 27.22
N ILE F 154 1.71 -15.50 27.09
CA ILE F 154 2.38 -15.62 25.80
C ILE F 154 1.69 -16.64 24.88
N ILE F 155 1.54 -16.27 23.61
CA ILE F 155 0.89 -17.12 22.61
C ILE F 155 1.92 -17.62 21.58
N ASP F 156 1.77 -18.88 21.16
CA ASP F 156 2.57 -19.42 20.04
C ASP F 156 1.70 -20.19 19.04
N PRO F 157 2.20 -20.41 17.81
CA PRO F 157 1.40 -21.02 16.73
C PRO F 157 0.74 -22.36 17.08
N THR F 158 1.32 -23.10 18.03
CA THR F 158 0.80 -24.42 18.42
C THR F 158 -0.46 -24.33 19.28
N ASP F 159 -0.72 -23.15 19.82
CA ASP F 159 -1.89 -22.93 20.68
C ASP F 159 -3.21 -22.93 19.90
N PHE F 160 -3.12 -22.80 18.60
CA PHE F 160 -4.29 -22.59 17.77
C PHE F 160 -5.11 -23.82 17.54
N HIS F 161 -4.51 -24.97 17.76
CA HIS F 161 -5.10 -26.28 17.49
C HIS F 161 -4.56 -27.34 18.42
N PRO F 162 -5.35 -28.36 18.71
CA PRO F 162 -4.91 -29.47 19.56
C PRO F 162 -4.17 -30.55 18.77
CD CD G . -20.78 -13.61 -0.04
CL CL H . -20.60 -11.62 1.51
CD CD I . -17.47 -7.51 3.06
CL CL J . -21.48 -16.83 1.97
CD CD K . -29.74 -4.23 3.50
CL CL L . -26.32 -4.96 2.04
CD CD M . -5.82 -8.99 -26.61
CL CL N . -4.46 -9.87 -28.16
CL CL O . -30.69 -2.81 1.44
CD CD P . -10.43 0.50 -22.18
CL CL Q . -8.07 -0.40 -21.80
CD CD R . -4.24 -1.47 -18.43
CL CL S . -5.52 -8.11 -24.59
CL CL T . -10.42 3.59 -24.47
CD CD U . 16.65 8.77 4.43
CL CL V . 20.40 12.18 2.10
CD CD W . 20.99 13.34 0.13
CL CL X . 21.23 17.04 0.94
CL CL Y . 25.44 6.34 6.63
CD CD Z . 28.21 6.34 7.84
CL CL AA . 13.30 1.60 -27.69
CD CD BA . 12.87 -0.37 -26.47
CL CL CA . 8.20 1.88 -9.65
CL CL DA . 29.71 4.36 7.91
CL CL EA . 13.13 1.25 0.03
CD CD FA . 8.81 -5.18 -15.90
CL CL GA . 13.44 -7.72 -17.54
CD CD HA . 15.73 -8.42 -16.85
CL CL IA . 16.35 -12.15 -18.04
CL CL JA . 12.12 -1.44 -23.95
CD CD KA . -14.61 2.86 11.82
CL CL LA . -16.39 6.36 15.61
CL CL MA . -18.38 11.31 16.29
CD CD NA . -15.71 8.29 17.11
CL CL OA . -18.71 -1.61 19.05
CD CD PA . -20.43 -2.48 21.08
CL CL QA . 3.05 5.33 11.30
CL CL RA . -22.08 -3.30 20.46
CL CL SA . -5.89 -0.97 11.25
CL CL TA . 11.55 0.95 20.49
CD CD UA . 11.15 2.56 15.43
CL CL VA . 16.19 11.96 23.00
CD CD WA . 10.51 -0.45 22.23
CL CL XA . 13.36 9.58 21.16
CD CD YA . 14.72 10.44 23.08
CL CL ZA . 12.98 -3.03 23.64
#